data_5EN7
#
_entry.id   5EN7
#
_cell.length_a   122.322
_cell.length_b   41.036
_cell.length_c   126.382
_cell.angle_alpha   90.000
_cell.angle_beta   95.920
_cell.angle_gamma   90.000
#
_symmetry.space_group_name_H-M   'P 1 21 1'
#
loop_
_entity.id
_entity.type
_entity.pdbx_description
1 polymer SMU-1
2 polymer 'Suppressor of Mec and Unc defects'
3 water water
#
loop_
_entity_poly.entity_id
_entity_poly.type
_entity_poly.pdbx_seq_one_letter_code
_entity_poly.pdbx_strand_id
1 'polypeptide(L)'
;GAMGSSIEIESSDVIRLIEQFLKESNLHRTLAILQEETNVSLNTVDSIDGFCNEITSGNWDNVLKTVQSLKLPAKKLIDL
YEHVIIELVELRELATARLVARQTDPMILLKQIDPDRFARLESLINRPYFDGQEVYGDVSKEKRRSVIAQTLSSEVHVVA
PSRLLSLLGQSLKWQLHQGLLPPG
;
A,C,E,G
2 'polypeptide(L)' GAEIDKSDDDDDDDIDTAFDEKVTSSSSSSKPSEASLLAQELAQSHSENRMVRSLHRVLFKNE B,D,F,H
#
# COMPACT_ATOMS: atom_id res chain seq x y z
N ILE A 7 6.45 20.46 -47.12
CA ILE A 7 5.78 19.17 -46.92
C ILE A 7 4.81 18.86 -48.05
N GLU A 8 5.23 17.97 -48.93
CA GLU A 8 4.44 17.51 -50.07
C GLU A 8 4.06 16.04 -49.88
N ILE A 9 2.83 15.69 -50.29
CA ILE A 9 2.30 14.36 -49.97
C ILE A 9 1.90 13.53 -51.19
N GLU A 10 2.13 12.22 -51.11
CA GLU A 10 1.66 11.26 -52.11
C GLU A 10 1.45 9.89 -51.44
N SER A 11 0.29 9.28 -51.65
CA SER A 11 -0.03 8.03 -50.95
C SER A 11 0.14 6.73 -51.73
N SER A 12 -0.55 6.65 -52.87
CA SER A 12 -0.57 5.45 -53.70
C SER A 12 0.77 5.12 -54.34
N ASP A 13 1.51 6.17 -54.67
CA ASP A 13 2.82 6.03 -55.31
C ASP A 13 3.82 5.34 -54.40
N VAL A 14 3.83 5.73 -53.13
CA VAL A 14 4.72 5.12 -52.15
C VAL A 14 4.45 3.61 -52.07
N ILE A 15 3.17 3.27 -51.98
CA ILE A 15 2.76 1.88 -51.90
C ILE A 15 3.22 1.11 -53.13
N ARG A 16 3.10 1.75 -54.29
CA ARG A 16 3.55 1.15 -55.55
C ARG A 16 5.06 0.90 -55.53
N LEU A 17 5.80 1.85 -54.97
CA LEU A 17 7.25 1.73 -54.80
C LEU A 17 7.59 0.50 -53.98
N ILE A 18 6.88 0.36 -52.85
CA ILE A 18 7.04 -0.79 -51.98
C ILE A 18 6.75 -2.09 -52.73
N GLU A 19 5.70 -2.07 -53.55
CA GLU A 19 5.30 -3.25 -54.32
C GLU A 19 6.37 -3.66 -55.33
N GLN A 20 6.96 -2.66 -55.99
CA GLN A 20 8.06 -2.88 -56.91
C GLN A 20 9.25 -3.48 -56.19
N PHE A 21 9.56 -2.93 -55.01
CA PHE A 21 10.67 -3.46 -54.21
C PHE A 21 10.43 -4.93 -53.84
N LEU A 22 9.20 -5.23 -53.44
CA LEU A 22 8.82 -6.59 -53.08
C LEU A 22 8.99 -7.52 -54.26
N LYS A 23 8.57 -7.07 -55.44
CA LYS A 23 8.69 -7.83 -56.67
C LYS A 23 10.14 -8.13 -57.02
N GLU A 24 10.98 -7.10 -57.04
CA GLU A 24 12.38 -7.26 -57.39
C GLU A 24 13.13 -8.16 -56.41
N SER A 25 12.66 -8.19 -55.18
CA SER A 25 13.31 -8.96 -54.11
C SER A 25 12.71 -10.34 -53.93
N ASN A 26 11.85 -10.73 -54.87
CA ASN A 26 11.23 -12.06 -54.90
C ASN A 26 10.36 -12.34 -53.67
N LEU A 27 9.93 -11.29 -53.00
CA LEU A 27 9.00 -11.43 -51.88
C LEU A 27 7.57 -11.39 -52.37
N HIS A 28 7.18 -12.43 -53.10
CA HIS A 28 5.90 -12.48 -53.80
C HIS A 28 4.65 -12.48 -52.94
N ARG A 29 4.66 -13.27 -51.87
CA ARG A 29 3.48 -13.34 -51.00
C ARG A 29 3.15 -11.99 -50.36
N THR A 30 4.16 -11.31 -49.84
CA THR A 30 3.95 -10.00 -49.23
C THR A 30 3.39 -9.02 -50.27
N LEU A 31 3.85 -9.16 -51.51
CA LEU A 31 3.34 -8.37 -52.63
C LEU A 31 1.85 -8.62 -52.85
N ALA A 32 1.46 -9.88 -52.89
CA ALA A 32 0.07 -10.28 -53.06
C ALA A 32 -0.80 -9.74 -51.92
N ILE A 33 -0.37 -9.97 -50.69
CA ILE A 33 -1.09 -9.54 -49.50
C ILE A 33 -1.24 -8.02 -49.47
N LEU A 34 -0.20 -7.32 -49.88
CA LEU A 34 -0.20 -5.87 -49.93
C LEU A 34 -1.23 -5.38 -50.94
N GLN A 35 -1.15 -5.91 -52.16
CA GLN A 35 -2.08 -5.56 -53.22
C GLN A 35 -3.52 -5.78 -52.79
N GLU A 36 -3.78 -6.92 -52.15
CA GLU A 36 -5.15 -7.24 -51.70
C GLU A 36 -5.62 -6.30 -50.60
N GLU A 37 -4.74 -6.04 -49.63
CA GLU A 37 -5.11 -5.28 -48.44
C GLU A 37 -5.33 -3.79 -48.74
N THR A 38 -4.53 -3.23 -49.64
CA THR A 38 -4.64 -1.80 -49.92
C THR A 38 -5.37 -1.49 -51.22
N ASN A 39 -5.72 -2.55 -51.96
CA ASN A 39 -6.39 -2.44 -53.26
C ASN A 39 -5.61 -1.54 -54.24
N VAL A 40 -4.30 -1.55 -54.10
CA VAL A 40 -3.42 -0.87 -55.04
C VAL A 40 -2.55 -1.92 -55.72
N SER A 41 -2.54 -1.91 -57.06
CA SER A 41 -1.81 -2.94 -57.79
C SER A 41 -0.58 -2.38 -58.50
N LEU A 42 0.50 -3.15 -58.47
CA LEU A 42 1.69 -2.83 -59.22
C LEU A 42 1.46 -3.20 -60.68
N ASN A 43 1.39 -2.19 -61.54
CA ASN A 43 1.12 -2.42 -62.95
C ASN A 43 2.27 -1.92 -63.81
N THR A 44 3.40 -2.59 -63.76
CA THR A 44 4.59 -2.09 -64.43
C THR A 44 4.61 -2.45 -65.91
N VAL A 45 4.71 -1.42 -66.74
CA VAL A 45 4.96 -1.57 -68.16
C VAL A 45 6.17 -0.73 -68.53
N ASP A 46 6.93 -1.19 -69.52
CA ASP A 46 8.15 -0.48 -69.92
C ASP A 46 7.82 0.95 -70.31
N SER A 47 6.74 1.12 -71.05
CA SER A 47 6.25 2.45 -71.42
C SER A 47 4.75 2.42 -71.65
N ILE A 48 4.06 3.44 -71.14
CA ILE A 48 2.63 3.58 -71.39
C ILE A 48 2.41 3.84 -72.89
N ASP A 49 3.36 4.56 -73.48
CA ASP A 49 3.37 4.84 -74.90
C ASP A 49 3.41 3.55 -75.72
N GLY A 50 4.29 2.63 -75.32
CA GLY A 50 4.44 1.35 -75.99
C GLY A 50 3.21 0.47 -75.80
N PHE A 51 2.58 0.59 -74.63
CA PHE A 51 1.37 -0.17 -74.31
C PHE A 51 0.20 0.26 -75.21
N CYS A 52 -0.06 1.57 -75.24
CA CYS A 52 -1.09 2.11 -76.13
C CYS A 52 -0.79 1.80 -77.59
N ASN A 53 0.46 1.97 -78.00
CA ASN A 53 0.85 1.70 -79.38
C ASN A 53 0.66 0.24 -79.75
N GLU A 54 0.91 -0.64 -78.79
CA GLU A 54 0.74 -2.06 -79.02
C GLU A 54 -0.74 -2.40 -79.18
N ILE A 55 -1.60 -1.71 -78.43
CA ILE A 55 -3.05 -1.94 -78.60
C ILE A 55 -3.55 -1.40 -79.94
N THR A 56 -3.04 -0.23 -80.32
CA THR A 56 -3.44 0.43 -81.55
C THR A 56 -3.04 -0.34 -82.81
N SER A 57 -1.85 -0.94 -82.77
CA SER A 57 -1.31 -1.68 -83.91
C SER A 57 -1.94 -3.07 -84.08
N GLY A 58 -2.72 -3.51 -83.11
CA GLY A 58 -3.43 -4.76 -83.20
C GLY A 58 -2.61 -5.99 -82.89
N ASN A 59 -1.45 -5.79 -82.27
CA ASN A 59 -0.61 -6.92 -81.87
C ASN A 59 -1.09 -7.51 -80.55
N TRP A 60 -2.11 -8.35 -80.63
CA TRP A 60 -2.84 -8.78 -79.45
C TRP A 60 -2.07 -9.75 -78.56
N ASP A 61 -1.11 -10.45 -79.14
CA ASP A 61 -0.27 -11.36 -78.36
C ASP A 61 0.48 -10.60 -77.27
N ASN A 62 1.15 -9.52 -77.67
CA ASN A 62 1.88 -8.68 -76.73
C ASN A 62 0.98 -8.05 -75.67
N VAL A 63 -0.15 -7.50 -76.10
CA VAL A 63 -1.02 -6.80 -75.18
C VAL A 63 -1.66 -7.77 -74.18
N LEU A 64 -1.89 -9.02 -74.60
CA LEU A 64 -2.47 -10.00 -73.71
C LEU A 64 -1.41 -10.56 -72.76
N LYS A 65 -0.18 -10.63 -73.26
CA LYS A 65 0.95 -11.02 -72.43
C LYS A 65 1.09 -10.01 -71.30
N THR A 66 1.11 -8.73 -71.68
CA THR A 66 1.19 -7.64 -70.73
C THR A 66 0.01 -7.65 -69.76
N VAL A 67 -1.18 -7.91 -70.30
CA VAL A 67 -2.41 -7.95 -69.51
C VAL A 67 -2.38 -9.04 -68.43
N GLN A 68 -1.77 -10.18 -68.74
CA GLN A 68 -1.70 -11.28 -67.78
C GLN A 68 -0.97 -10.94 -66.48
N SER A 69 -0.13 -9.91 -66.53
CA SER A 69 0.62 -9.45 -65.35
C SER A 69 -0.12 -8.39 -64.54
N LEU A 70 -1.34 -8.07 -64.92
CA LEU A 70 -2.03 -6.90 -64.38
C LEU A 70 -3.24 -7.15 -63.47
N LYS A 71 -3.70 -6.07 -62.86
CA LYS A 71 -4.97 -6.02 -62.13
C LYS A 71 -6.10 -5.85 -63.14
N LEU A 72 -7.23 -6.52 -62.89
CA LEU A 72 -8.25 -6.55 -63.94
C LEU A 72 -9.68 -6.22 -63.49
N PRO A 73 -10.16 -5.04 -63.89
CA PRO A 73 -11.60 -4.73 -63.88
C PRO A 73 -12.27 -5.68 -64.88
N ALA A 74 -13.22 -6.49 -64.43
CA ALA A 74 -13.75 -7.54 -65.30
C ALA A 74 -14.27 -7.04 -66.65
N LYS A 75 -14.96 -5.90 -66.65
CA LYS A 75 -15.54 -5.38 -67.89
C LYS A 75 -14.47 -4.95 -68.90
N LYS A 76 -13.37 -4.39 -68.42
CA LYS A 76 -12.32 -3.96 -69.32
C LYS A 76 -11.69 -5.17 -70.00
N LEU A 77 -11.52 -6.26 -69.24
CA LEU A 77 -11.01 -7.49 -69.82
C LEU A 77 -12.00 -8.13 -70.79
N ILE A 78 -13.29 -8.08 -70.49
CA ILE A 78 -14.25 -8.72 -71.40
C ILE A 78 -14.39 -7.87 -72.68
N ASP A 79 -14.31 -6.55 -72.56
CA ASP A 79 -14.26 -5.67 -73.73
C ASP A 79 -13.08 -6.03 -74.60
N LEU A 80 -11.91 -6.09 -73.97
CA LEU A 80 -10.67 -6.39 -74.66
C LEU A 80 -10.74 -7.73 -75.37
N TYR A 81 -11.04 -8.78 -74.62
CA TYR A 81 -11.07 -10.13 -75.15
C TYR A 81 -12.12 -10.29 -76.25
N GLU A 82 -13.26 -9.65 -76.06
CA GLU A 82 -14.31 -9.62 -77.06
C GLU A 82 -13.81 -9.04 -78.38
N HIS A 83 -13.19 -7.86 -78.29
CA HIS A 83 -12.67 -7.22 -79.48
C HIS A 83 -11.59 -8.08 -80.14
N VAL A 84 -10.77 -8.72 -79.31
CA VAL A 84 -9.74 -9.62 -79.82
C VAL A 84 -10.38 -10.72 -80.65
N ILE A 85 -11.46 -11.30 -80.12
CA ILE A 85 -12.19 -12.33 -80.85
C ILE A 85 -12.76 -11.79 -82.17
N ILE A 86 -13.28 -10.58 -82.15
CA ILE A 86 -13.78 -9.94 -83.37
C ILE A 86 -12.70 -9.80 -84.45
N GLU A 87 -11.54 -9.29 -84.05
CA GLU A 87 -10.46 -9.12 -85.00
C GLU A 87 -9.95 -10.48 -85.47
N LEU A 88 -10.12 -11.49 -84.62
CA LEU A 88 -9.75 -12.85 -85.01
C LEU A 88 -10.68 -13.38 -86.11
N VAL A 89 -11.99 -13.23 -85.92
CA VAL A 89 -12.93 -13.75 -86.92
C VAL A 89 -12.90 -12.95 -88.21
N GLU A 90 -12.48 -11.69 -88.14
CA GLU A 90 -12.27 -10.92 -89.37
C GLU A 90 -11.10 -11.50 -90.17
N LEU A 91 -10.05 -11.94 -89.47
CA LEU A 91 -8.88 -12.54 -90.12
C LEU A 91 -9.12 -14.01 -90.47
N ARG A 92 -10.33 -14.47 -90.16
CA ARG A 92 -10.74 -15.86 -90.41
C ARG A 92 -9.94 -16.86 -89.57
N GLU A 93 -9.37 -16.40 -88.47
CA GLU A 93 -8.69 -17.30 -87.55
C GLU A 93 -9.73 -17.86 -86.57
N LEU A 94 -10.71 -18.58 -87.10
CA LEU A 94 -11.87 -19.03 -86.32
C LEU A 94 -11.51 -19.98 -85.17
N ALA A 95 -10.52 -20.83 -85.40
CA ALA A 95 -10.11 -21.80 -84.38
C ALA A 95 -9.65 -21.08 -83.13
N THR A 96 -8.78 -20.10 -83.32
CA THR A 96 -8.25 -19.32 -82.22
C THR A 96 -9.37 -18.52 -81.56
N ALA A 97 -10.31 -18.04 -82.37
CA ALA A 97 -11.46 -17.29 -81.85
C ALA A 97 -12.32 -18.13 -80.91
N ARG A 98 -12.64 -19.34 -81.34
CA ARG A 98 -13.42 -20.26 -80.50
C ARG A 98 -12.63 -20.63 -79.25
N LEU A 99 -11.33 -20.83 -79.43
CA LEU A 99 -10.43 -21.19 -78.36
C LEU A 99 -10.46 -20.13 -77.27
N VAL A 100 -10.42 -18.87 -77.69
CA VAL A 100 -10.49 -17.73 -76.77
C VAL A 100 -11.88 -17.67 -76.13
N ALA A 101 -12.91 -17.94 -76.91
CA ALA A 101 -14.28 -17.91 -76.41
C ALA A 101 -14.51 -18.90 -75.27
N ARG A 102 -13.90 -20.08 -75.37
CA ARG A 102 -14.15 -21.12 -74.34
C ARG A 102 -13.08 -21.23 -73.25
N GLN A 103 -11.84 -20.83 -73.54
CA GLN A 103 -10.73 -21.11 -72.63
C GLN A 103 -10.20 -19.86 -71.91
N THR A 104 -10.89 -18.74 -72.05
CA THR A 104 -10.44 -17.54 -71.36
C THR A 104 -11.42 -17.10 -70.28
N ASP A 105 -10.87 -16.71 -69.14
CA ASP A 105 -11.66 -16.32 -67.97
C ASP A 105 -12.64 -15.16 -68.24
N PRO A 106 -12.19 -14.07 -68.90
CA PRO A 106 -13.14 -12.98 -69.14
C PRO A 106 -14.33 -13.41 -70.00
N MET A 107 -14.10 -14.30 -70.96
CA MET A 107 -15.16 -14.75 -71.84
C MET A 107 -16.15 -15.69 -71.15
N ILE A 108 -15.65 -16.57 -70.28
CA ILE A 108 -16.54 -17.40 -69.47
C ILE A 108 -17.36 -16.55 -68.51
N LEU A 109 -16.71 -15.56 -67.88
CA LEU A 109 -17.41 -14.63 -67.00
C LEU A 109 -18.48 -13.89 -67.80
N LEU A 110 -18.16 -13.53 -69.04
CA LEU A 110 -19.09 -12.86 -69.93
C LEU A 110 -20.29 -13.76 -70.21
N LYS A 111 -19.99 -15.03 -70.39
CA LYS A 111 -20.97 -16.08 -70.62
C LYS A 111 -21.93 -16.15 -69.43
N GLN A 112 -21.38 -16.03 -68.22
CA GLN A 112 -22.20 -16.08 -66.99
C GLN A 112 -23.04 -14.82 -66.77
N ILE A 113 -22.40 -13.66 -66.76
CA ILE A 113 -23.06 -12.42 -66.39
C ILE A 113 -23.86 -11.81 -67.52
N ASP A 114 -23.47 -12.10 -68.76
CA ASP A 114 -24.18 -11.49 -69.89
C ASP A 114 -24.34 -12.54 -70.98
N PRO A 115 -25.28 -13.47 -70.80
CA PRO A 115 -25.44 -14.61 -71.71
C PRO A 115 -25.86 -14.26 -73.14
N ASP A 116 -26.73 -13.29 -73.32
CA ASP A 116 -27.16 -12.92 -74.65
C ASP A 116 -26.00 -12.34 -75.44
N ARG A 117 -25.14 -11.61 -74.75
CA ARG A 117 -23.98 -11.01 -75.37
C ARG A 117 -23.02 -12.06 -75.87
N PHE A 118 -22.76 -13.08 -75.05
CA PHE A 118 -21.89 -14.17 -75.47
C PHE A 118 -22.53 -14.92 -76.63
N ALA A 119 -23.85 -15.03 -76.61
CA ALA A 119 -24.57 -15.65 -77.70
C ALA A 119 -24.34 -14.86 -78.99
N ARG A 120 -24.35 -13.53 -78.87
CA ARG A 120 -24.09 -12.65 -80.00
C ARG A 120 -22.68 -12.85 -80.51
N LEU A 121 -21.71 -12.96 -79.60
CA LEU A 121 -20.32 -13.16 -80.00
C LEU A 121 -20.13 -14.48 -80.73
N GLU A 122 -20.68 -15.57 -80.20
CA GLU A 122 -20.55 -16.87 -80.85
C GLU A 122 -21.26 -16.88 -82.20
N SER A 123 -22.41 -16.21 -82.27
CA SER A 123 -23.12 -16.07 -83.53
C SER A 123 -22.24 -15.33 -84.55
N LEU A 124 -21.53 -14.32 -84.09
CA LEU A 124 -20.63 -13.57 -84.95
C LEU A 124 -19.47 -14.45 -85.42
N ILE A 125 -19.02 -15.36 -84.55
CA ILE A 125 -17.91 -16.24 -84.89
C ILE A 125 -18.35 -17.29 -85.92
N ASN A 126 -19.62 -17.66 -85.87
CA ASN A 126 -20.10 -18.77 -86.70
C ASN A 126 -20.75 -18.34 -88.02
N ARG A 127 -20.76 -17.04 -88.29
CA ARG A 127 -21.33 -16.56 -89.56
C ARG A 127 -20.32 -16.82 -90.68
N PRO A 128 -20.83 -17.20 -91.87
CA PRO A 128 -20.00 -17.63 -93.01
C PRO A 128 -18.96 -16.60 -93.46
N TYR A 129 -19.30 -15.33 -93.42
CA TYR A 129 -18.34 -14.28 -93.75
C TYR A 129 -18.38 -13.17 -92.72
N PHE A 130 -17.34 -12.34 -92.68
CA PHE A 130 -17.29 -11.24 -91.72
C PHE A 130 -17.97 -10.00 -92.28
N ASP A 131 -19.13 -9.69 -91.73
CA ASP A 131 -19.90 -8.52 -92.14
C ASP A 131 -19.27 -7.26 -91.53
N GLY A 132 -18.15 -6.82 -92.07
CA GLY A 132 -17.46 -5.66 -91.54
C GLY A 132 -18.27 -4.38 -91.54
N GLN A 133 -19.24 -4.32 -92.44
CA GLN A 133 -20.06 -3.13 -92.62
C GLN A 133 -20.86 -2.78 -91.37
N GLU A 134 -21.52 -3.78 -90.77
CA GLU A 134 -22.30 -3.53 -89.57
C GLU A 134 -21.38 -3.14 -88.39
N VAL A 135 -20.42 -4.03 -88.11
CA VAL A 135 -19.53 -3.93 -86.97
C VAL A 135 -18.77 -2.62 -86.93
N TYR A 136 -18.00 -2.39 -87.97
CA TYR A 136 -17.12 -1.22 -88.03
C TYR A 136 -17.80 -0.04 -88.68
N GLY A 137 -19.02 -0.28 -89.17
CA GLY A 137 -19.84 0.80 -89.69
C GLY A 137 -20.42 1.62 -88.55
N ASP A 138 -20.92 0.94 -87.51
CA ASP A 138 -21.44 1.69 -86.37
C ASP A 138 -20.31 2.50 -85.71
N VAL A 139 -19.24 1.81 -85.32
CA VAL A 139 -18.06 2.49 -84.77
C VAL A 139 -16.80 1.80 -85.27
N SER A 140 -15.90 2.58 -85.85
CA SER A 140 -14.76 2.05 -86.57
C SER A 140 -13.80 1.24 -85.71
N LYS A 141 -12.98 0.43 -86.38
CA LYS A 141 -11.97 -0.38 -85.72
C LYS A 141 -10.97 0.50 -84.97
N GLU A 142 -10.52 1.55 -85.65
CA GLU A 142 -9.57 2.49 -85.07
C GLU A 142 -10.11 3.08 -83.77
N LYS A 143 -11.38 3.43 -83.76
CA LYS A 143 -12.03 4.00 -82.57
C LYS A 143 -12.17 2.98 -81.44
N ARG A 144 -12.47 1.74 -81.79
CA ARG A 144 -12.55 0.69 -80.78
C ARG A 144 -11.20 0.48 -80.11
N ARG A 145 -10.17 0.31 -80.92
CA ARG A 145 -8.84 0.11 -80.39
C ARG A 145 -8.36 1.33 -79.61
N SER A 146 -8.81 2.50 -80.01
CA SER A 146 -8.50 3.73 -79.29
C SER A 146 -9.12 3.75 -77.90
N VAL A 147 -10.41 3.41 -77.85
CA VAL A 147 -11.13 3.36 -76.60
C VAL A 147 -10.53 2.34 -75.65
N ILE A 148 -10.28 1.14 -76.16
CA ILE A 148 -9.65 0.11 -75.33
C ILE A 148 -8.28 0.56 -74.84
N ALA A 149 -7.50 1.19 -75.72
CA ALA A 149 -6.18 1.68 -75.36
C ALA A 149 -6.23 2.67 -74.22
N GLN A 150 -7.14 3.65 -74.29
CA GLN A 150 -7.27 4.63 -73.23
C GLN A 150 -7.75 4.01 -71.92
N THR A 151 -8.88 3.31 -72.00
CA THR A 151 -9.52 2.70 -70.84
C THR A 151 -8.55 1.78 -70.09
N LEU A 152 -7.70 1.08 -70.82
CA LEU A 152 -6.70 0.22 -70.17
C LEU A 152 -5.47 1.01 -69.70
N SER A 153 -5.10 2.05 -70.45
CA SER A 153 -3.93 2.86 -70.09
C SER A 153 -4.15 3.55 -68.75
N SER A 154 -5.40 3.89 -68.45
CA SER A 154 -5.72 4.54 -67.18
C SER A 154 -5.42 3.60 -65.99
N GLU A 155 -5.36 2.30 -66.27
CA GLU A 155 -5.17 1.29 -65.24
C GLU A 155 -3.72 0.82 -65.14
N VAL A 156 -2.81 1.51 -65.82
CA VAL A 156 -1.43 1.08 -65.85
C VAL A 156 -0.46 2.20 -65.41
N HIS A 157 0.74 1.81 -65.00
CA HIS A 157 1.73 2.77 -64.49
C HIS A 157 3.15 2.44 -64.97
N VAL A 158 3.97 3.47 -65.08
CA VAL A 158 5.37 3.26 -65.43
C VAL A 158 6.28 3.74 -64.29
N VAL A 159 7.07 2.82 -63.76
CA VAL A 159 7.96 3.10 -62.65
C VAL A 159 9.37 2.62 -62.97
N ALA A 160 10.36 3.47 -62.72
CA ALA A 160 11.75 3.13 -63.05
C ALA A 160 12.14 1.84 -62.35
N PRO A 161 13.12 1.09 -62.90
CA PRO A 161 13.46 -0.25 -62.43
C PRO A 161 13.58 -0.43 -60.91
N SER A 162 14.36 0.39 -60.22
CA SER A 162 14.55 0.22 -58.79
C SER A 162 14.35 1.53 -58.05
N ARG A 163 13.15 2.08 -58.16
CA ARG A 163 12.90 3.43 -57.68
C ARG A 163 13.07 3.62 -56.18
N LEU A 164 12.60 2.68 -55.38
CA LEU A 164 12.67 2.86 -53.93
C LEU A 164 14.11 3.01 -53.45
N LEU A 165 14.98 2.09 -53.88
CA LEU A 165 16.39 2.14 -53.52
C LEU A 165 17.10 3.38 -54.05
N SER A 166 16.75 3.80 -55.25
CA SER A 166 17.32 4.98 -55.85
C SER A 166 16.98 6.21 -55.04
N LEU A 167 15.71 6.27 -54.64
CA LEU A 167 15.20 7.39 -53.86
C LEU A 167 15.83 7.43 -52.47
N LEU A 168 16.03 6.26 -51.86
CA LEU A 168 16.72 6.17 -50.57
C LEU A 168 18.17 6.63 -50.71
N GLY A 169 18.79 6.28 -51.84
CA GLY A 169 20.12 6.76 -52.15
C GLY A 169 20.15 8.29 -52.23
N GLN A 170 19.10 8.84 -52.81
CA GLN A 170 18.96 10.29 -52.91
C GLN A 170 18.78 10.95 -51.54
N SER A 171 18.01 10.32 -50.66
CA SER A 171 17.87 10.86 -49.31
C SER A 171 19.21 10.83 -48.60
N LEU A 172 19.97 9.77 -48.82
CA LEU A 172 21.29 9.65 -48.22
C LEU A 172 22.24 10.74 -48.72
N LYS A 173 22.18 11.02 -50.01
CA LYS A 173 22.98 12.11 -50.58
C LYS A 173 22.56 13.45 -49.99
N TRP A 174 21.24 13.62 -49.80
CA TRP A 174 20.70 14.85 -49.23
C TRP A 174 21.24 15.07 -47.84
N GLN A 175 21.18 14.02 -47.02
CA GLN A 175 21.70 14.07 -45.67
C GLN A 175 23.18 14.40 -45.66
N LEU A 176 23.95 13.71 -46.49
CA LEU A 176 25.39 13.90 -46.49
C LEU A 176 25.85 15.28 -46.99
N HIS A 177 25.28 15.73 -48.10
CA HIS A 177 25.78 16.95 -48.74
C HIS A 177 25.02 18.25 -48.46
N GLN A 178 23.74 18.15 -48.09
CA GLN A 178 22.95 19.34 -47.75
C GLN A 178 22.56 19.40 -46.27
N GLY A 179 22.98 18.39 -45.52
CA GLY A 179 22.45 18.02 -44.22
C GLY A 179 21.00 18.30 -43.82
N LEU A 180 20.72 18.14 -42.54
CA LEU A 180 19.35 18.28 -42.05
C LEU A 180 19.12 19.47 -41.13
N LEU A 181 17.92 20.05 -41.22
CA LEU A 181 17.56 21.17 -40.36
C LEU A 181 17.55 20.74 -38.90
N PRO A 182 17.99 21.64 -38.02
CA PRO A 182 17.88 21.36 -36.59
C PRO A 182 16.42 21.47 -36.14
N PRO A 183 16.02 20.69 -35.14
CA PRO A 183 14.63 20.73 -34.66
C PRO A 183 14.46 21.63 -33.44
N HIS B 46 -2.50 -24.80 -89.01
CA HIS B 46 -3.19 -23.85 -88.16
C HIS B 46 -2.24 -22.80 -87.60
N SER B 47 -2.79 -21.63 -87.27
CA SER B 47 -2.01 -20.52 -86.72
C SER B 47 -0.79 -20.15 -87.56
N GLU B 48 -1.03 -19.76 -88.81
CA GLU B 48 0.05 -19.30 -89.69
C GLU B 48 0.54 -17.91 -89.29
N ASN B 49 -0.35 -17.08 -88.74
CA ASN B 49 -0.01 -15.73 -88.31
C ASN B 49 0.83 -15.77 -87.03
N ARG B 50 1.86 -14.93 -86.95
CA ARG B 50 2.77 -14.93 -85.80
C ARG B 50 2.10 -14.43 -84.52
N MET B 51 1.35 -13.34 -84.62
CA MET B 51 0.69 -12.77 -83.45
C MET B 51 -0.31 -13.76 -82.88
N VAL B 52 -0.91 -14.56 -83.76
CA VAL B 52 -1.86 -15.59 -83.34
C VAL B 52 -1.16 -16.72 -82.58
N ARG B 53 0.00 -17.14 -83.07
CA ARG B 53 0.77 -18.17 -82.39
C ARG B 53 1.27 -17.71 -81.03
N SER B 54 1.84 -16.51 -81.01
CA SER B 54 2.33 -15.93 -79.76
C SER B 54 1.20 -15.71 -78.75
N LEU B 55 0.04 -15.26 -79.22
CA LEU B 55 -1.13 -15.08 -78.36
C LEU B 55 -1.58 -16.43 -77.79
N HIS B 56 -1.58 -17.43 -78.65
CA HIS B 56 -1.95 -18.79 -78.29
C HIS B 56 -1.04 -19.35 -77.20
N ARG B 57 0.26 -19.23 -77.41
CA ARG B 57 1.26 -19.69 -76.45
C ARG B 57 1.23 -18.91 -75.13
N VAL B 58 1.08 -17.60 -75.21
CA VAL B 58 1.02 -16.77 -74.00
C VAL B 58 -0.18 -17.13 -73.14
N LEU B 59 -1.36 -17.23 -73.75
CA LEU B 59 -2.55 -17.55 -72.98
C LEU B 59 -2.56 -19.01 -72.50
N PHE B 60 -2.10 -19.92 -73.35
CA PHE B 60 -2.23 -21.34 -73.07
C PHE B 60 -0.89 -22.02 -72.75
N LYS B 61 0.08 -21.22 -72.30
CA LYS B 61 1.39 -21.71 -71.85
C LYS B 61 2.05 -22.66 -72.86
N ILE C 7 27.91 4.99 -53.67
CA ILE C 7 27.22 3.72 -53.78
C ILE C 7 27.05 3.14 -52.38
N GLU C 8 25.88 3.34 -51.79
CA GLU C 8 25.60 2.81 -50.46
C GLU C 8 24.44 1.83 -50.48
N ILE C 9 24.61 0.70 -49.80
CA ILE C 9 23.62 -0.37 -49.83
C ILE C 9 23.21 -0.85 -48.43
N GLU C 10 21.94 -1.23 -48.28
CA GLU C 10 21.49 -1.89 -47.06
C GLU C 10 20.17 -2.64 -47.30
N SER C 11 20.10 -3.90 -46.85
CA SER C 11 18.91 -4.72 -47.11
C SER C 11 17.87 -4.74 -45.97
N SER C 12 18.32 -5.11 -44.78
CA SER C 12 17.43 -5.27 -43.62
C SER C 12 16.79 -3.97 -43.13
N ASP C 13 17.54 -2.88 -43.21
CA ASP C 13 17.04 -1.59 -42.76
C ASP C 13 15.88 -1.12 -43.61
N VAL C 14 16.01 -1.30 -44.93
CA VAL C 14 14.94 -0.95 -45.87
C VAL C 14 13.65 -1.71 -45.53
N ILE C 15 13.81 -3.00 -45.31
CA ILE C 15 12.69 -3.85 -44.93
C ILE C 15 12.04 -3.34 -43.65
N ARG C 16 12.87 -2.92 -42.71
CA ARG C 16 12.35 -2.40 -41.45
C ARG C 16 11.57 -1.10 -41.65
N LEU C 17 12.06 -0.25 -42.55
CA LEU C 17 11.36 0.98 -42.92
C LEU C 17 9.98 0.69 -43.47
N ILE C 18 9.94 -0.26 -44.40
CA ILE C 18 8.69 -0.67 -45.00
C ILE C 18 7.75 -1.19 -43.91
N GLU C 19 8.29 -1.99 -42.99
CA GLU C 19 7.49 -2.55 -41.90
C GLU C 19 6.89 -1.48 -41.01
N GLN C 20 7.70 -0.46 -40.70
CA GLN C 20 7.22 0.67 -39.91
C GLN C 20 6.08 1.39 -40.64
N PHE C 21 6.27 1.59 -41.94
CA PHE C 21 5.25 2.23 -42.76
C PHE C 21 3.94 1.44 -42.72
N LEU C 22 4.07 0.12 -42.84
CA LEU C 22 2.94 -0.79 -42.82
C LEU C 22 2.20 -0.67 -41.49
N LYS C 23 2.97 -0.61 -40.41
CA LYS C 23 2.41 -0.46 -39.08
C LYS C 23 1.62 0.83 -38.95
N GLU C 24 2.22 1.96 -39.32
CA GLU C 24 1.56 3.25 -39.21
C GLU C 24 0.32 3.37 -40.07
N SER C 25 0.29 2.61 -41.16
CA SER C 25 -0.81 2.68 -42.11
C SER C 25 -1.88 1.63 -41.84
N ASN C 26 -1.76 0.97 -40.70
CA ASN C 26 -2.75 -0.02 -40.24
C ASN C 26 -2.90 -1.20 -41.20
N LEU C 27 -1.85 -1.44 -41.98
CA LEU C 27 -1.79 -2.62 -42.85
C LEU C 27 -1.16 -3.78 -42.10
N HIS C 28 -1.88 -4.28 -41.11
CA HIS C 28 -1.36 -5.27 -40.16
C HIS C 28 -1.00 -6.60 -40.83
N ARG C 29 -1.87 -7.07 -41.71
CA ARG C 29 -1.68 -8.36 -42.36
C ARG C 29 -0.38 -8.39 -43.15
N THR C 30 -0.18 -7.34 -43.96
CA THR C 30 1.01 -7.22 -44.78
C THR C 30 2.26 -7.12 -43.93
N LEU C 31 2.14 -6.46 -42.78
CA LEU C 31 3.24 -6.36 -41.84
C LEU C 31 3.66 -7.75 -41.37
N ALA C 32 2.65 -8.53 -40.96
CA ALA C 32 2.87 -9.90 -40.51
C ALA C 32 3.52 -10.74 -41.60
N ILE C 33 2.94 -10.70 -42.80
CA ILE C 33 3.43 -11.48 -43.92
C ILE C 33 4.87 -11.11 -44.29
N LEU C 34 5.18 -9.82 -44.25
CA LEU C 34 6.52 -9.35 -44.58
C LEU C 34 7.52 -9.86 -43.55
N GLN C 35 7.24 -9.63 -42.27
CA GLN C 35 8.12 -10.11 -41.21
C GLN C 35 8.35 -11.60 -41.32
N GLU C 36 7.28 -12.34 -41.61
CA GLU C 36 7.35 -13.79 -41.74
C GLU C 36 8.21 -14.22 -42.92
N GLU C 37 8.00 -13.56 -44.06
CA GLU C 37 8.63 -13.95 -45.32
C GLU C 37 10.13 -13.62 -45.36
N THR C 38 10.50 -12.48 -44.76
CA THR C 38 11.89 -12.04 -44.86
C THR C 38 12.72 -12.30 -43.59
N ASN C 39 12.08 -12.84 -42.56
CA ASN C 39 12.73 -13.11 -41.28
C ASN C 39 13.39 -11.86 -40.70
N VAL C 40 12.81 -10.69 -41.00
CA VAL C 40 13.23 -9.43 -40.40
C VAL C 40 12.06 -8.84 -39.62
N SER C 41 12.26 -8.53 -38.35
CA SER C 41 11.16 -8.03 -37.54
C SER C 41 11.31 -6.57 -37.12
N LEU C 42 10.17 -5.88 -37.12
CA LEU C 42 10.07 -4.52 -36.63
C LEU C 42 10.11 -4.58 -35.11
N ASN C 43 11.21 -4.11 -34.55
CA ASN C 43 11.41 -4.13 -33.11
C ASN C 43 11.63 -2.72 -32.62
N THR C 44 10.56 -1.92 -32.67
CA THR C 44 10.68 -0.50 -32.36
C THR C 44 10.60 -0.27 -30.86
N VAL C 45 11.61 0.42 -30.34
CA VAL C 45 11.59 0.90 -28.96
C VAL C 45 11.86 2.39 -28.98
N ASP C 46 11.26 3.14 -28.05
CA ASP C 46 11.42 4.58 -28.02
C ASP C 46 12.90 4.95 -27.93
N SER C 47 13.61 4.24 -27.06
CA SER C 47 15.05 4.41 -26.92
C SER C 47 15.65 3.13 -26.39
N ILE C 48 16.80 2.72 -26.94
CA ILE C 48 17.49 1.55 -26.42
C ILE C 48 17.99 1.83 -25.00
N ASP C 49 18.39 3.07 -24.76
CA ASP C 49 18.78 3.48 -23.41
C ASP C 49 17.60 3.33 -22.46
N GLY C 50 16.42 3.73 -22.90
CA GLY C 50 15.23 3.63 -22.08
C GLY C 50 14.82 2.19 -21.82
N PHE C 51 15.03 1.34 -22.83
CA PHE C 51 14.71 -0.08 -22.74
C PHE C 51 15.61 -0.79 -21.72
N CYS C 52 16.92 -0.59 -21.89
CA CYS C 52 17.91 -1.11 -20.95
C CYS C 52 17.69 -0.57 -19.54
N ASN C 53 17.43 0.73 -19.44
CA ASN C 53 17.21 1.38 -18.15
C ASN C 53 15.97 0.81 -17.48
N GLU C 54 14.96 0.52 -18.29
CA GLU C 54 13.71 -0.03 -17.78
C GLU C 54 13.89 -1.45 -17.24
N ILE C 55 14.73 -2.26 -17.89
CA ILE C 55 14.98 -3.60 -17.36
C ILE C 55 15.92 -3.58 -16.14
N THR C 56 16.93 -2.71 -16.18
CA THR C 56 17.90 -2.59 -15.08
C THR C 56 17.23 -2.09 -13.81
N SER C 57 16.27 -1.19 -13.94
CA SER C 57 15.57 -0.66 -12.78
C SER C 57 14.56 -1.66 -12.24
N GLY C 58 14.32 -2.73 -13.00
CA GLY C 58 13.46 -3.80 -12.54
C GLY C 58 11.97 -3.56 -12.70
N ASN C 59 11.61 -2.61 -13.55
CA ASN C 59 10.20 -2.34 -13.84
C ASN C 59 9.67 -3.37 -14.83
N TRP C 60 9.30 -4.54 -14.32
CA TRP C 60 9.03 -5.70 -15.17
C TRP C 60 7.75 -5.58 -15.99
N ASP C 61 6.79 -4.80 -15.50
CA ASP C 61 5.56 -4.58 -16.24
C ASP C 61 5.85 -3.94 -17.60
N ASN C 62 6.65 -2.88 -17.58
CA ASN C 62 7.02 -2.17 -18.79
C ASN C 62 7.82 -3.05 -19.75
N VAL C 63 8.83 -3.75 -19.24
CA VAL C 63 9.70 -4.55 -20.07
C VAL C 63 8.95 -5.75 -20.66
N LEU C 64 7.96 -6.26 -19.93
CA LEU C 64 7.19 -7.38 -20.42
C LEU C 64 6.15 -6.92 -21.42
N LYS C 65 5.64 -5.71 -21.26
CA LYS C 65 4.76 -5.14 -22.27
C LYS C 65 5.52 -4.98 -23.60
N THR C 66 6.66 -4.32 -23.49
CA THR C 66 7.52 -4.09 -24.65
C THR C 66 7.92 -5.42 -25.29
N VAL C 67 8.26 -6.40 -24.47
CA VAL C 67 8.60 -7.71 -24.98
C VAL C 67 7.40 -8.33 -25.72
N GLN C 68 6.20 -8.12 -25.18
CA GLN C 68 4.98 -8.59 -25.82
C GLN C 68 4.77 -7.91 -27.18
N SER C 69 5.41 -6.76 -27.37
CA SER C 69 5.33 -6.08 -28.66
C SER C 69 6.45 -6.51 -29.62
N LEU C 70 7.27 -7.48 -29.23
CA LEU C 70 8.48 -7.84 -29.97
C LEU C 70 8.44 -9.22 -30.60
N LYS C 71 9.46 -9.50 -31.42
CA LYS C 71 9.75 -10.87 -31.89
C LYS C 71 10.47 -11.62 -30.79
N LEU C 72 10.22 -12.92 -30.69
CA LEU C 72 10.69 -13.64 -29.54
C LEU C 72 11.49 -14.91 -29.79
N PRO C 73 12.82 -14.82 -29.60
CA PRO C 73 13.70 -15.99 -29.44
C PRO C 73 13.31 -16.70 -28.15
N ALA C 74 12.93 -17.97 -28.23
CA ALA C 74 12.39 -18.66 -27.06
C ALA C 74 13.32 -18.63 -25.83
N LYS C 75 14.62 -18.80 -26.08
CA LYS C 75 15.60 -18.85 -24.99
C LYS C 75 15.72 -17.54 -24.22
N LYS C 76 15.69 -16.43 -24.95
CA LYS C 76 15.77 -15.12 -24.33
C LYS C 76 14.52 -14.83 -23.51
N LEU C 77 13.37 -15.26 -24.03
CA LEU C 77 12.12 -15.08 -23.30
C LEU C 77 12.04 -15.92 -22.04
N ILE C 78 12.53 -17.17 -22.09
CA ILE C 78 12.47 -18.01 -20.91
C ILE C 78 13.48 -17.54 -19.88
N ASP C 79 14.64 -17.06 -20.33
CA ASP C 79 15.60 -16.44 -19.42
C ASP C 79 14.97 -15.26 -18.70
N LEU C 80 14.41 -14.35 -19.49
CA LEU C 80 13.80 -13.15 -18.96
C LEU C 80 12.68 -13.46 -17.96
N TYR C 81 11.71 -14.27 -18.39
CA TYR C 81 10.56 -14.60 -17.56
C TYR C 81 10.98 -15.33 -16.29
N GLU C 82 11.97 -16.20 -16.42
CA GLU C 82 12.53 -16.89 -15.27
C GLU C 82 13.06 -15.90 -14.23
N HIS C 83 13.91 -14.98 -14.67
CA HIS C 83 14.47 -14.00 -13.77
C HIS C 83 13.38 -13.13 -13.14
N VAL C 84 12.36 -12.82 -13.94
CA VAL C 84 11.23 -12.06 -13.42
C VAL C 84 10.60 -12.80 -12.25
N ILE C 85 10.42 -14.11 -12.43
CA ILE C 85 9.88 -14.96 -11.37
C ILE C 85 10.79 -14.96 -10.13
N ILE C 86 12.10 -15.02 -10.35
CA ILE C 86 13.05 -14.96 -9.24
C ILE C 86 12.91 -13.67 -8.43
N GLU C 87 12.84 -12.54 -9.12
CA GLU C 87 12.68 -11.26 -8.44
C GLU C 87 11.31 -11.16 -7.79
N LEU C 88 10.34 -11.89 -8.33
CA LEU C 88 9.01 -11.95 -7.72
C LEU C 88 9.02 -12.71 -6.39
N VAL C 89 9.66 -13.88 -6.39
CA VAL C 89 9.69 -14.70 -5.19
C VAL C 89 10.58 -14.04 -4.13
N GLU C 90 11.54 -13.23 -4.57
CA GLU C 90 12.32 -12.45 -3.61
C GLU C 90 11.46 -11.37 -2.94
N LEU C 91 10.55 -10.76 -3.71
CA LEU C 91 9.66 -9.73 -3.20
C LEU C 91 8.48 -10.31 -2.42
N ARG C 92 8.47 -11.63 -2.30
CA ARG C 92 7.44 -12.38 -1.59
C ARG C 92 6.07 -12.25 -2.25
N GLU C 93 6.07 -11.89 -3.52
CA GLU C 93 4.83 -11.85 -4.30
C GLU C 93 4.56 -13.21 -4.90
N LEU C 94 4.36 -14.21 -4.04
CA LEU C 94 4.27 -15.60 -4.45
C LEU C 94 3.12 -15.89 -5.41
N ALA C 95 1.99 -15.22 -5.21
CA ALA C 95 0.82 -15.44 -6.05
C ALA C 95 1.14 -15.11 -7.51
N THR C 96 1.72 -13.93 -7.73
CA THR C 96 2.07 -13.49 -9.07
C THR C 96 3.15 -14.39 -9.67
N ALA C 97 4.11 -14.81 -8.85
CA ALA C 97 5.19 -15.68 -9.29
C ALA C 97 4.65 -17.01 -9.80
N ARG C 98 3.75 -17.61 -9.03
CA ARG C 98 3.11 -18.87 -9.42
C ARG C 98 2.26 -18.68 -10.68
N LEU C 99 1.55 -17.55 -10.74
CA LEU C 99 0.69 -17.23 -11.87
C LEU C 99 1.50 -17.16 -13.18
N VAL C 100 2.65 -16.48 -13.11
CA VAL C 100 3.55 -16.39 -14.25
C VAL C 100 4.13 -17.77 -14.58
N ALA C 101 4.45 -18.52 -13.53
CA ALA C 101 5.01 -19.86 -13.69
C ALA C 101 4.07 -20.77 -14.48
N ARG C 102 2.77 -20.64 -14.26
CA ARG C 102 1.80 -21.56 -14.86
C ARG C 102 1.12 -21.06 -16.13
N GLN C 103 0.95 -19.75 -16.26
CA GLN C 103 0.11 -19.21 -17.33
C GLN C 103 0.80 -18.38 -18.43
N THR C 104 2.13 -18.38 -18.46
CA THR C 104 2.83 -17.66 -19.53
C THR C 104 3.55 -18.63 -20.46
N ASP C 105 3.50 -18.31 -21.75
CA ASP C 105 4.04 -19.19 -22.80
C ASP C 105 5.52 -19.58 -22.64
N PRO C 106 6.41 -18.61 -22.34
CA PRO C 106 7.81 -19.01 -22.22
C PRO C 106 8.04 -20.03 -21.10
N MET C 107 7.27 -19.91 -20.02
CA MET C 107 7.39 -20.83 -18.90
C MET C 107 6.83 -22.21 -19.21
N ILE C 108 5.75 -22.26 -19.98
CA ILE C 108 5.21 -23.54 -20.44
C ILE C 108 6.22 -24.23 -21.36
N LEU C 109 6.80 -23.46 -22.27
CA LEU C 109 7.82 -23.98 -23.16
C LEU C 109 9.02 -24.49 -22.38
N LEU C 110 9.38 -23.75 -21.33
CA LEU C 110 10.48 -24.15 -20.46
C LEU C 110 10.15 -25.45 -19.75
N LYS C 111 8.91 -25.57 -19.31
CA LYS C 111 8.42 -26.76 -18.63
C LYS C 111 8.55 -27.96 -19.56
N GLN C 112 8.24 -27.75 -20.84
CA GLN C 112 8.33 -28.81 -21.86
C GLN C 112 9.77 -29.22 -22.22
N ILE C 113 10.60 -28.23 -22.58
CA ILE C 113 11.93 -28.53 -23.10
C ILE C 113 12.98 -28.77 -22.01
N ASP C 114 12.77 -28.21 -20.83
CA ASP C 114 13.71 -28.37 -19.74
C ASP C 114 13.02 -28.56 -18.38
N PRO C 115 12.53 -29.78 -18.12
CA PRO C 115 11.72 -30.08 -16.93
C PRO C 115 12.46 -29.87 -15.62
N ASP C 116 13.75 -30.17 -15.60
CA ASP C 116 14.56 -30.01 -14.40
C ASP C 116 14.72 -28.55 -14.01
N ARG C 117 14.85 -27.68 -15.01
CA ARG C 117 14.98 -26.25 -14.78
C ARG C 117 13.68 -25.64 -14.22
N PHE C 118 12.56 -26.02 -14.81
CA PHE C 118 11.26 -25.53 -14.33
C PHE C 118 10.95 -26.07 -12.94
N ALA C 119 11.33 -27.32 -12.70
CA ALA C 119 11.17 -27.95 -11.40
C ALA C 119 12.02 -27.21 -10.36
N ARG C 120 13.21 -26.82 -10.77
CA ARG C 120 14.11 -26.04 -9.93
C ARG C 120 13.48 -24.70 -9.59
N LEU C 121 12.86 -24.07 -10.59
CA LEU C 121 12.21 -22.77 -10.38
C LEU C 121 11.04 -22.87 -9.40
N GLU C 122 10.18 -23.87 -9.58
CA GLU C 122 9.04 -24.06 -8.69
C GLU C 122 9.53 -24.40 -7.29
N SER C 123 10.60 -25.19 -7.22
CA SER C 123 11.26 -25.53 -5.97
C SER C 123 11.74 -24.26 -5.26
N LEU C 124 12.26 -23.31 -6.04
CA LEU C 124 12.69 -22.03 -5.51
C LEU C 124 11.49 -21.24 -4.99
N ILE C 125 10.36 -21.37 -5.68
CA ILE C 125 9.14 -20.67 -5.31
C ILE C 125 8.54 -21.30 -4.04
N ASN C 126 8.79 -22.60 -3.86
CA ASN C 126 8.16 -23.33 -2.77
C ASN C 126 9.00 -23.39 -1.49
N ARG C 127 10.17 -22.76 -1.51
CA ARG C 127 11.03 -22.71 -0.34
C ARG C 127 10.51 -21.65 0.63
N PRO C 128 10.58 -21.93 1.94
CA PRO C 128 9.98 -21.05 2.96
C PRO C 128 10.52 -19.62 2.93
N TYR C 129 11.81 -19.47 2.64
CA TYR C 129 12.41 -18.15 2.51
C TYR C 129 13.26 -18.06 1.25
N PHE C 130 13.61 -16.85 0.85
CA PHE C 130 14.41 -16.64 -0.33
C PHE C 130 15.91 -16.72 -0.04
N ASP C 131 16.54 -17.80 -0.48
CA ASP C 131 17.97 -17.99 -0.27
C ASP C 131 18.78 -17.15 -1.25
N GLY C 132 18.81 -15.84 -1.02
CA GLY C 132 19.53 -14.93 -1.88
C GLY C 132 21.02 -15.21 -1.97
N GLN C 133 21.56 -15.86 -0.93
CA GLN C 133 22.99 -16.11 -0.85
C GLN C 133 23.49 -16.96 -2.00
N GLU C 134 22.84 -18.09 -2.25
CA GLU C 134 23.24 -18.95 -3.36
C GLU C 134 22.96 -18.27 -4.70
N VAL C 135 21.71 -17.85 -4.88
CA VAL C 135 21.19 -17.32 -6.13
C VAL C 135 22.03 -16.18 -6.65
N TYR C 136 22.15 -15.12 -5.87
CA TYR C 136 22.89 -13.94 -6.30
C TYR C 136 24.35 -14.01 -5.88
N GLY C 137 24.69 -15.05 -5.14
CA GLY C 137 26.07 -15.31 -4.78
C GLY C 137 26.85 -15.81 -5.97
N ASP C 138 26.23 -16.71 -6.74
CA ASP C 138 26.88 -17.20 -7.97
C ASP C 138 27.10 -16.03 -8.93
N VAL C 139 26.02 -15.33 -9.27
CA VAL C 139 26.08 -14.13 -10.11
C VAL C 139 25.06 -13.10 -9.62
N SER C 140 25.52 -11.88 -9.35
CA SER C 140 24.69 -10.89 -8.67
C SER C 140 23.47 -10.49 -9.47
N LYS C 141 22.51 -9.88 -8.77
CA LYS C 141 21.28 -9.40 -9.40
C LYS C 141 21.57 -8.36 -10.46
N GLU C 142 22.43 -7.41 -10.12
CA GLU C 142 22.81 -6.34 -11.03
C GLU C 142 23.40 -6.90 -12.33
N LYS C 143 24.24 -7.91 -12.19
CA LYS C 143 24.90 -8.55 -13.31
C LYS C 143 23.88 -9.33 -14.15
N ARG C 144 22.92 -9.97 -13.49
CA ARG C 144 21.86 -10.68 -14.21
C ARG C 144 21.02 -9.73 -15.06
N ARG C 145 20.53 -8.66 -14.44
CA ARG C 145 19.72 -7.68 -15.18
C ARG C 145 20.54 -7.03 -16.28
N SER C 146 21.84 -6.87 -16.06
CA SER C 146 22.71 -6.31 -17.09
C SER C 146 22.83 -7.26 -18.29
N VAL C 147 23.06 -8.53 -18.01
CA VAL C 147 23.18 -9.54 -19.05
C VAL C 147 21.91 -9.69 -19.86
N ILE C 148 20.79 -9.78 -19.17
CA ILE C 148 19.50 -9.86 -19.86
C ILE C 148 19.26 -8.60 -20.69
N ALA C 149 19.62 -7.44 -20.12
CA ALA C 149 19.46 -6.15 -20.81
C ALA C 149 20.22 -6.11 -22.12
N GLN C 150 21.48 -6.54 -22.10
CA GLN C 150 22.28 -6.57 -23.32
C GLN C 150 21.70 -7.55 -24.33
N THR C 151 21.49 -8.79 -23.86
CA THR C 151 21.00 -9.87 -24.70
C THR C 151 19.71 -9.49 -25.42
N LEU C 152 18.83 -8.76 -24.75
CA LEU C 152 17.60 -8.30 -25.39
C LEU C 152 17.78 -7.03 -26.22
N SER C 153 18.70 -6.16 -25.80
CA SER C 153 18.94 -4.92 -26.52
C SER C 153 19.45 -5.22 -27.93
N SER C 154 20.19 -6.32 -28.07
CA SER C 154 20.70 -6.70 -29.37
C SER C 154 19.57 -7.04 -30.36
N GLU C 155 18.40 -7.36 -29.84
CA GLU C 155 17.27 -7.80 -30.67
C GLU C 155 16.25 -6.68 -30.94
N VAL C 156 16.59 -5.45 -30.59
CA VAL C 156 15.67 -4.33 -30.80
C VAL C 156 16.30 -3.20 -31.59
N HIS C 157 15.45 -2.34 -32.13
CA HIS C 157 15.88 -1.23 -32.97
C HIS C 157 15.12 0.03 -32.63
N VAL C 158 15.75 1.18 -32.87
CA VAL C 158 15.06 2.45 -32.69
C VAL C 158 14.94 3.16 -34.05
N VAL C 159 13.71 3.40 -34.46
CA VAL C 159 13.41 4.02 -35.75
C VAL C 159 12.46 5.20 -35.58
N ALA C 160 12.81 6.34 -36.19
CA ALA C 160 12.04 7.58 -36.06
C ALA C 160 10.61 7.33 -36.54
N PRO C 161 9.64 8.12 -36.03
CA PRO C 161 8.21 7.87 -36.25
C PRO C 161 7.78 7.53 -37.69
N SER C 162 8.08 8.37 -38.67
CA SER C 162 7.65 8.09 -40.04
C SER C 162 8.84 8.22 -40.97
N ARG C 163 9.84 7.40 -40.71
CA ARG C 163 11.15 7.54 -41.32
C ARG C 163 11.13 7.37 -42.84
N LEU C 164 10.35 6.42 -43.34
CA LEU C 164 10.30 6.18 -44.78
C LEU C 164 9.81 7.40 -45.56
N LEU C 165 8.71 7.97 -45.11
CA LEU C 165 8.15 9.16 -45.73
C LEU C 165 9.13 10.32 -45.64
N SER C 166 9.81 10.45 -44.51
CA SER C 166 10.79 11.53 -44.33
C SER C 166 11.91 11.39 -45.33
N LEU C 167 12.36 10.16 -45.53
CA LEU C 167 13.44 9.88 -46.47
C LEU C 167 12.99 10.16 -47.90
N LEU C 168 11.75 9.82 -48.23
CA LEU C 168 11.21 10.12 -49.56
C LEU C 168 11.08 11.63 -49.81
N GLY C 169 10.67 12.36 -48.77
CA GLY C 169 10.63 13.80 -48.84
C GLY C 169 12.03 14.35 -49.07
N GLN C 170 13.01 13.72 -48.44
CA GLN C 170 14.40 14.12 -48.61
C GLN C 170 14.89 13.86 -50.03
N SER C 171 14.47 12.75 -50.63
CA SER C 171 14.81 12.51 -52.02
C SER C 171 14.18 13.58 -52.88
N LEU C 172 12.95 13.97 -52.54
CA LEU C 172 12.26 14.99 -53.29
C LEU C 172 12.99 16.33 -53.24
N LYS C 173 13.47 16.69 -52.05
CA LYS C 173 14.27 17.89 -51.87
C LYS C 173 15.58 17.80 -52.65
N TRP C 174 16.20 16.62 -52.65
CA TRP C 174 17.44 16.40 -53.39
C TRP C 174 17.25 16.63 -54.87
N GLN C 175 16.17 16.06 -55.39
CA GLN C 175 15.82 16.22 -56.78
C GLN C 175 15.60 17.70 -57.08
N LEU C 176 14.82 18.40 -56.25
CA LEU C 176 14.54 19.81 -56.50
C LEU C 176 15.73 20.76 -56.41
N HIS C 177 16.54 20.63 -55.36
CA HIS C 177 17.59 21.62 -55.10
C HIS C 177 18.98 21.32 -55.63
N GLN C 178 19.27 20.06 -55.89
CA GLN C 178 20.54 19.69 -56.51
C GLN C 178 20.32 19.26 -57.96
N GLY C 179 19.31 18.44 -58.15
CA GLY C 179 19.02 17.84 -59.42
C GLY C 179 19.49 16.41 -59.56
N LEU C 180 19.26 15.86 -60.74
CA LEU C 180 19.65 14.49 -61.05
C LEU C 180 20.76 14.45 -62.07
N LEU C 181 21.72 13.56 -61.85
CA LEU C 181 22.82 13.39 -62.77
C LEU C 181 22.24 12.94 -64.10
N PRO C 182 22.86 13.38 -65.21
CA PRO C 182 22.46 12.91 -66.54
C PRO C 182 22.88 11.47 -66.74
N PRO C 183 22.12 10.70 -67.52
CA PRO C 183 22.42 9.29 -67.75
C PRO C 183 23.21 9.07 -69.03
N HIS D 46 -5.03 -9.55 -4.29
CA HIS D 46 -4.14 -9.18 -5.38
C HIS D 46 -2.81 -8.65 -4.82
N SER D 47 -1.95 -8.17 -5.72
CA SER D 47 -0.63 -7.66 -5.37
C SER D 47 -0.65 -6.27 -4.74
N GLU D 48 -0.03 -6.14 -3.58
CA GLU D 48 0.10 -4.85 -2.92
C GLU D 48 1.03 -3.93 -3.72
N ASN D 49 2.02 -4.52 -4.38
CA ASN D 49 2.99 -3.75 -5.16
C ASN D 49 2.40 -3.21 -6.46
N ARG D 50 2.73 -1.96 -6.79
CA ARG D 50 2.18 -1.31 -7.98
C ARG D 50 2.73 -1.90 -9.28
N MET D 51 4.05 -2.07 -9.35
CA MET D 51 4.68 -2.62 -10.56
C MET D 51 4.25 -4.07 -10.79
N VAL D 52 4.03 -4.79 -9.70
CA VAL D 52 3.55 -6.18 -9.79
C VAL D 52 2.12 -6.21 -10.29
N ARG D 53 1.31 -5.27 -9.82
CA ARG D 53 -0.08 -5.13 -10.23
C ARG D 53 -0.18 -4.80 -11.73
N SER D 54 0.63 -3.85 -12.18
CA SER D 54 0.73 -3.48 -13.58
C SER D 54 1.20 -4.67 -14.40
N LEU D 55 2.12 -5.43 -13.83
CA LEU D 55 2.64 -6.65 -14.44
C LEU D 55 1.53 -7.67 -14.65
N HIS D 56 0.68 -7.81 -13.64
CA HIS D 56 -0.47 -8.70 -13.68
C HIS D 56 -1.42 -8.28 -14.80
N ARG D 57 -1.71 -6.98 -14.88
CA ARG D 57 -2.61 -6.50 -15.93
C ARG D 57 -2.03 -6.73 -17.33
N VAL D 58 -0.75 -6.44 -17.51
CA VAL D 58 -0.08 -6.63 -18.79
C VAL D 58 -0.05 -8.09 -19.24
N LEU D 59 0.36 -8.97 -18.33
CA LEU D 59 0.50 -10.39 -18.64
C LEU D 59 -0.84 -11.10 -18.82
N PHE D 60 -1.80 -10.77 -17.95
CA PHE D 60 -3.07 -11.48 -17.92
C PHE D 60 -4.23 -10.59 -18.39
N ILE E 9 -1.32 -12.80 48.82
CA ILE E 9 -1.48 -12.00 47.61
C ILE E 9 -0.18 -11.25 47.31
N GLU E 10 0.11 -11.12 46.02
CA GLU E 10 1.26 -10.36 45.54
C GLU E 10 0.93 -8.87 45.50
N SER E 11 1.94 -8.03 45.75
CA SER E 11 1.74 -6.58 45.89
C SER E 11 1.45 -5.88 44.57
N SER E 12 2.24 -6.21 43.54
CA SER E 12 2.10 -5.57 42.24
C SER E 12 0.70 -5.80 41.68
N ASP E 13 0.12 -6.96 42.00
CA ASP E 13 -1.22 -7.29 41.55
C ASP E 13 -2.25 -6.35 42.17
N VAL E 14 -2.11 -6.12 43.47
CA VAL E 14 -2.96 -5.20 44.22
C VAL E 14 -2.87 -3.79 43.63
N ILE E 15 -1.63 -3.36 43.40
CA ILE E 15 -1.36 -2.05 42.81
C ILE E 15 -1.95 -1.91 41.41
N ARG E 16 -1.87 -2.97 40.61
CA ARG E 16 -2.45 -2.96 39.27
C ARG E 16 -3.95 -2.84 39.33
N LEU E 17 -4.56 -3.53 40.30
CA LEU E 17 -6.00 -3.41 40.52
C LEU E 17 -6.38 -1.97 40.84
N ILE E 18 -5.65 -1.38 41.79
CA ILE E 18 -5.90 -0.01 42.18
C ILE E 18 -5.76 0.91 40.97
N GLU E 19 -4.75 0.67 40.16
CA GLU E 19 -4.51 1.48 38.96
C GLU E 19 -5.66 1.38 37.96
N GLN E 20 -6.19 0.18 37.77
CA GLN E 20 -7.34 0.00 36.90
C GLN E 20 -8.53 0.79 37.44
N PHE E 21 -8.75 0.70 38.74
CA PHE E 21 -9.84 1.43 39.40
C PHE E 21 -9.71 2.94 39.21
N LEU E 22 -8.51 3.44 39.44
CA LEU E 22 -8.22 4.86 39.30
C LEU E 22 -8.48 5.31 37.87
N LYS E 23 -8.06 4.48 36.92
CA LYS E 23 -8.27 4.76 35.50
C LYS E 23 -9.75 4.85 35.17
N GLU E 24 -10.51 3.82 35.53
CA GLU E 24 -11.94 3.79 35.26
C GLU E 24 -12.70 4.90 35.99
N SER E 25 -12.16 5.33 37.13
CA SER E 25 -12.83 6.35 37.93
C SER E 25 -12.28 7.75 37.59
N ASN E 26 -11.55 7.84 36.49
CA ASN E 26 -11.07 9.11 35.96
C ASN E 26 -10.14 9.91 36.87
N LEU E 27 -9.47 9.23 37.79
CA LEU E 27 -8.42 9.88 38.57
C LEU E 27 -7.08 9.72 37.84
N HIS E 28 -6.94 10.42 36.72
CA HIS E 28 -5.76 10.27 35.88
C HIS E 28 -4.49 10.71 36.61
N ARG E 29 -4.58 11.80 37.35
CA ARG E 29 -3.43 12.36 38.06
C ARG E 29 -2.84 11.35 39.04
N THR E 30 -3.72 10.75 39.85
CA THR E 30 -3.32 9.75 40.82
C THR E 30 -2.78 8.50 40.14
N LEU E 31 -3.37 8.11 39.01
CA LEU E 31 -2.89 6.96 38.27
C LEU E 31 -1.45 7.18 37.82
N ALA E 32 -1.21 8.34 37.23
CA ALA E 32 0.13 8.69 36.78
C ALA E 32 1.13 8.67 37.95
N ILE E 33 0.81 9.37 39.03
CA ILE E 33 1.71 9.44 40.17
C ILE E 33 1.99 8.07 40.77
N LEU E 34 0.96 7.22 40.82
CA LEU E 34 1.10 5.87 41.35
C LEU E 34 2.04 5.03 40.50
N GLN E 35 1.76 4.97 39.19
CA GLN E 35 2.60 4.21 38.28
C GLN E 35 4.05 4.66 38.35
N GLU E 36 4.26 5.97 38.44
CA GLU E 36 5.62 6.51 38.50
C GLU E 36 6.29 6.14 39.83
N GLU E 37 5.56 6.27 40.93
CA GLU E 37 6.12 6.08 42.27
C GLU E 37 6.41 4.63 42.63
N THR E 38 5.56 3.72 42.18
CA THR E 38 5.66 2.33 42.62
C THR E 38 6.32 1.38 41.60
N ASN E 39 6.69 1.93 40.44
CA ASN E 39 7.32 1.16 39.36
C ASN E 39 6.48 -0.06 38.98
N VAL E 40 5.18 0.09 39.14
CA VAL E 40 4.24 -0.92 38.66
C VAL E 40 3.41 -0.26 37.59
N SER E 41 3.41 -0.83 36.41
CA SER E 41 2.70 -0.19 35.32
C SER E 41 1.48 -1.01 35.00
N LEU E 42 0.38 -0.32 34.73
CA LEU E 42 -0.81 -0.99 34.24
C LEU E 42 -0.56 -1.26 32.76
N ASN E 43 -0.40 -2.53 32.40
CA ASN E 43 -0.17 -2.88 31.01
C ASN E 43 -1.29 -3.77 30.51
N THR E 44 -2.46 -3.18 30.37
CA THR E 44 -3.66 -3.92 30.01
C THR E 44 -3.79 -4.13 28.52
N VAL E 45 -3.99 -5.39 28.14
CA VAL E 45 -4.35 -5.73 26.78
C VAL E 45 -5.64 -6.53 26.86
N ASP E 46 -6.48 -6.42 25.83
CA ASP E 46 -7.77 -7.09 25.81
C ASP E 46 -7.64 -8.60 25.99
N SER E 47 -6.66 -9.18 25.31
CA SER E 47 -6.34 -10.60 25.46
C SER E 47 -4.88 -10.85 25.12
N ILE E 48 -4.22 -11.67 25.93
CA ILE E 48 -2.84 -12.05 25.65
C ILE E 48 -2.79 -12.87 24.36
N ASP E 49 -3.82 -13.67 24.14
CA ASP E 49 -3.93 -14.43 22.91
C ASP E 49 -3.98 -13.51 21.69
N GLY E 50 -4.74 -12.42 21.78
CA GLY E 50 -4.84 -11.47 20.69
C GLY E 50 -3.53 -10.73 20.45
N PHE E 51 -2.83 -10.43 21.55
CA PHE E 51 -1.55 -9.71 21.50
C PHE E 51 -0.51 -10.57 20.79
N CYS E 52 -0.42 -11.80 21.25
CA CYS E 52 0.45 -12.81 20.68
C CYS E 52 0.10 -13.07 19.22
N ASN E 53 -1.19 -13.16 18.91
CA ASN E 53 -1.64 -13.40 17.55
C ASN E 53 -1.23 -12.26 16.63
N GLU E 54 -1.26 -11.03 17.16
CA GLU E 54 -0.84 -9.88 16.37
C GLU E 54 0.67 -9.94 16.12
N ILE E 55 1.43 -10.43 17.10
CA ILE E 55 2.87 -10.54 16.90
C ILE E 55 3.29 -11.65 15.94
N THR E 56 2.69 -12.82 16.11
CA THR E 56 3.01 -14.00 15.30
C THR E 56 2.56 -13.85 13.84
N SER E 57 1.44 -13.17 13.60
CA SER E 57 0.92 -12.99 12.25
C SER E 57 1.71 -11.94 11.46
N GLY E 58 2.58 -11.20 12.15
CA GLY E 58 3.42 -10.23 11.50
C GLY E 58 2.80 -8.88 11.22
N ASN E 59 1.68 -8.58 11.89
CA ASN E 59 1.04 -7.26 11.76
C ASN E 59 1.74 -6.22 12.64
N TRP E 60 2.83 -5.68 12.14
CA TRP E 60 3.73 -4.88 12.99
C TRP E 60 3.20 -3.49 13.33
N ASP E 61 2.34 -2.94 12.47
CA ASP E 61 1.72 -1.65 12.74
C ASP E 61 0.90 -1.70 14.02
N ASN E 62 0.05 -2.72 14.14
CA ASN E 62 -0.75 -2.93 15.34
C ASN E 62 0.09 -3.18 16.59
N VAL E 63 1.08 -4.07 16.51
CA VAL E 63 1.85 -4.42 17.69
C VAL E 63 2.71 -3.24 18.12
N LEU E 64 3.15 -2.41 17.19
CA LEU E 64 3.96 -1.27 17.59
C LEU E 64 3.07 -0.15 18.12
N LYS E 65 1.85 -0.06 17.61
CA LYS E 65 0.90 0.88 18.17
C LYS E 65 0.58 0.52 19.63
N THR E 66 0.22 -0.74 19.87
CA THR E 66 -0.05 -1.21 21.23
C THR E 66 1.18 -1.07 22.13
N VAL E 67 2.36 -1.43 21.61
CA VAL E 67 3.60 -1.36 22.37
C VAL E 67 3.90 0.07 22.80
N GLN E 68 3.59 1.04 21.94
CA GLN E 68 3.82 2.44 22.29
C GLN E 68 3.01 2.90 23.51
N SER E 69 1.95 2.18 23.83
CA SER E 69 1.13 2.51 24.99
C SER E 69 1.56 1.78 26.27
N LEU E 70 2.60 0.97 26.19
CA LEU E 70 2.95 0.12 27.33
C LEU E 70 4.32 0.46 27.90
N LYS E 71 4.60 0.01 29.13
CA LYS E 71 5.96 0.10 29.62
C LYS E 71 6.73 -1.15 29.17
N LEU E 72 7.90 -0.94 28.58
CA LEU E 72 8.67 -2.03 28.00
C LEU E 72 10.15 -1.87 28.33
N PRO E 73 10.74 -2.89 28.95
CA PRO E 73 12.20 -2.95 29.11
C PRO E 73 12.86 -2.81 27.75
N ALA E 74 13.73 -1.81 27.62
CA ALA E 74 14.31 -1.45 26.33
C ALA E 74 14.91 -2.64 25.61
N LYS E 75 15.45 -3.61 26.33
CA LYS E 75 16.07 -4.77 25.70
C LYS E 75 15.07 -5.57 24.85
N LYS E 76 13.85 -5.68 25.35
CA LYS E 76 12.76 -6.32 24.62
C LYS E 76 12.36 -5.47 23.42
N LEU E 77 12.44 -4.15 23.59
CA LEU E 77 12.14 -3.20 22.53
C LEU E 77 13.17 -3.31 21.41
N ILE E 78 14.42 -3.53 21.77
CA ILE E 78 15.49 -3.64 20.79
C ILE E 78 15.34 -4.97 20.06
N ASP E 79 14.95 -6.02 20.79
CA ASP E 79 14.62 -7.28 20.14
C ASP E 79 13.52 -7.10 19.09
N LEU E 80 12.43 -6.48 19.54
CA LEU E 80 11.26 -6.27 18.70
C LEU E 80 11.56 -5.45 17.46
N TYR E 81 12.11 -4.25 17.65
CA TYR E 81 12.40 -3.36 16.54
C TYR E 81 13.41 -3.96 15.57
N GLU E 82 14.41 -4.66 16.12
CA GLU E 82 15.36 -5.37 15.28
C GLU E 82 14.65 -6.37 14.38
N HIS E 83 13.77 -7.17 14.97
CA HIS E 83 13.03 -8.16 14.18
C HIS E 83 12.15 -7.51 13.13
N VAL E 84 11.52 -6.40 13.49
CA VAL E 84 10.70 -5.65 12.55
C VAL E 84 11.55 -5.23 11.35
N ILE E 85 12.75 -4.72 11.63
CA ILE E 85 13.66 -4.36 10.55
C ILE E 85 14.01 -5.58 9.70
N ILE E 86 14.20 -6.73 10.33
CA ILE E 86 14.45 -7.97 9.60
C ILE E 86 13.33 -8.33 8.62
N GLU E 87 12.08 -8.26 9.09
CA GLU E 87 10.95 -8.55 8.22
C GLU E 87 10.75 -7.47 7.15
N LEU E 88 11.19 -6.25 7.45
CA LEU E 88 11.14 -5.18 6.46
C LEU E 88 12.13 -5.44 5.34
N VAL E 89 13.36 -5.78 5.72
CA VAL E 89 14.39 -6.03 4.72
C VAL E 89 14.07 -7.33 3.96
N GLU E 90 13.28 -8.22 4.58
CA GLU E 90 12.79 -9.40 3.86
C GLU E 90 11.83 -9.01 2.75
N LEU E 91 11.00 -8.01 3.03
CA LEU E 91 10.00 -7.54 2.07
C LEU E 91 10.64 -6.61 1.05
N ARG E 92 11.96 -6.43 1.15
CA ARG E 92 12.72 -5.55 0.27
C ARG E 92 12.30 -4.10 0.46
N GLU E 93 11.71 -3.81 1.61
CA GLU E 93 11.31 -2.45 1.96
C GLU E 93 12.45 -1.70 2.65
N LEU E 94 13.56 -1.55 1.94
CA LEU E 94 14.80 -1.05 2.53
C LEU E 94 14.74 0.37 3.11
N ALA E 95 14.00 1.26 2.47
CA ALA E 95 13.90 2.65 2.92
C ALA E 95 13.30 2.75 4.32
N THR E 96 12.16 2.09 4.50
CA THR E 96 11.48 2.11 5.80
C THR E 96 12.35 1.43 6.85
N ALA E 97 13.05 0.37 6.44
CA ALA E 97 13.94 -0.34 7.34
C ALA E 97 15.06 0.57 7.84
N ARG E 98 15.68 1.31 6.93
CA ARG E 98 16.72 2.26 7.31
C ARG E 98 16.15 3.36 8.22
N LEU E 99 14.94 3.80 7.90
CA LEU E 99 14.27 4.84 8.68
C LEU E 99 14.07 4.38 10.13
N VAL E 100 13.64 3.14 10.31
CA VAL E 100 13.46 2.57 11.64
C VAL E 100 14.81 2.40 12.33
N ALA E 101 15.80 1.95 11.57
CA ALA E 101 17.14 1.72 12.12
C ALA E 101 17.78 2.98 12.67
N ARG E 102 17.58 4.11 12.00
CA ARG E 102 18.29 5.32 12.37
C ARG E 102 17.46 6.31 13.19
N GLN E 103 16.14 6.29 13.06
CA GLN E 103 15.33 7.34 13.68
C GLN E 103 14.43 6.88 14.84
N THR E 104 14.62 5.65 15.32
CA THR E 104 13.82 5.17 16.45
C THR E 104 14.67 4.96 17.70
N ASP E 105 14.10 5.28 18.85
CA ASP E 105 14.83 5.23 20.13
C ASP E 105 15.48 3.88 20.46
N PRO E 106 14.74 2.75 20.32
CA PRO E 106 15.37 1.48 20.67
C PRO E 106 16.60 1.20 19.80
N MET E 107 16.54 1.65 18.55
CA MET E 107 17.63 1.45 17.63
C MET E 107 18.82 2.37 17.95
N ILE E 108 18.56 3.60 18.40
CA ILE E 108 19.65 4.48 18.85
C ILE E 108 20.35 3.90 20.05
N LEU E 109 19.55 3.40 20.97
CA LEU E 109 20.08 2.75 22.16
C LEU E 109 20.89 1.55 21.74
N LEU E 110 20.41 0.85 20.71
CA LEU E 110 21.11 -0.30 20.18
C LEU E 110 22.47 0.12 19.64
N LYS E 111 22.53 1.27 18.96
CA LYS E 111 23.78 1.77 18.44
C LYS E 111 24.76 2.04 19.56
N GLN E 112 24.27 2.62 20.64
CA GLN E 112 25.15 2.96 21.76
C GLN E 112 25.64 1.72 22.53
N ILE E 113 24.73 0.88 22.98
CA ILE E 113 25.11 -0.20 23.90
C ILE E 113 25.71 -1.43 23.20
N ASP E 114 25.34 -1.65 21.94
CA ASP E 114 25.84 -2.81 21.19
C ASP E 114 26.14 -2.44 19.75
N PRO E 115 27.29 -1.79 19.52
CA PRO E 115 27.66 -1.26 18.20
C PRO E 115 27.84 -2.35 17.14
N ASP E 116 28.39 -3.49 17.52
CA ASP E 116 28.62 -4.59 16.59
C ASP E 116 27.31 -5.20 16.09
N ARG E 117 26.31 -5.28 16.97
CA ARG E 117 24.99 -5.80 16.64
C ARG E 117 24.29 -4.89 15.62
N PHE E 118 24.37 -3.59 15.88
CA PHE E 118 23.83 -2.59 14.96
C PHE E 118 24.56 -2.61 13.64
N ALA E 119 25.87 -2.86 13.70
CA ALA E 119 26.68 -2.95 12.50
C ALA E 119 26.24 -4.14 11.65
N ARG E 120 25.95 -5.26 12.30
CA ARG E 120 25.44 -6.42 11.60
C ARG E 120 24.10 -6.10 10.96
N LEU E 121 23.26 -5.38 11.70
CA LEU E 121 21.95 -5.01 11.19
C LEU E 121 22.07 -4.15 9.93
N GLU E 122 22.97 -3.17 9.98
CA GLU E 122 23.19 -2.30 8.82
C GLU E 122 23.76 -3.06 7.64
N SER E 123 24.67 -3.99 7.90
CA SER E 123 25.22 -4.82 6.82
C SER E 123 24.10 -5.61 6.16
N LEU E 124 23.18 -6.13 6.96
CA LEU E 124 22.05 -6.87 6.42
C LEU E 124 21.12 -5.96 5.62
N ILE E 125 20.97 -4.72 6.08
CA ILE E 125 20.09 -3.76 5.44
C ILE E 125 20.68 -3.24 4.13
N ASN E 126 22.01 -3.20 4.06
CA ASN E 126 22.72 -2.63 2.92
C ASN E 126 23.09 -3.71 1.91
N ARG E 127 22.65 -4.93 2.17
CA ARG E 127 22.93 -6.05 1.29
C ARG E 127 22.06 -5.97 0.03
N PRO E 128 22.66 -6.24 -1.15
CA PRO E 128 22.02 -6.14 -2.47
C PRO E 128 20.81 -7.05 -2.58
N TYR E 129 20.87 -8.16 -1.86
CA TYR E 129 19.77 -9.13 -1.83
C TYR E 129 19.45 -9.45 -0.39
N PHE E 130 18.30 -10.08 -0.17
CA PHE E 130 17.92 -10.46 1.19
C PHE E 130 18.50 -11.82 1.55
N ASP E 131 19.48 -11.82 2.44
CA ASP E 131 20.13 -13.06 2.86
C ASP E 131 19.26 -13.83 3.85
N GLY E 132 18.20 -14.44 3.35
CA GLY E 132 17.30 -15.23 4.17
C GLY E 132 17.96 -16.43 4.82
N GLN E 133 19.04 -16.91 4.20
CA GLN E 133 19.72 -18.11 4.68
C GLN E 133 20.33 -17.96 6.08
N GLU E 134 21.05 -16.87 6.33
CA GLU E 134 21.61 -16.69 7.66
C GLU E 134 20.49 -16.47 8.68
N VAL E 135 19.64 -15.48 8.40
CA VAL E 135 18.59 -15.04 9.30
C VAL E 135 17.66 -16.18 9.71
N TYR E 136 17.00 -16.79 8.73
CA TYR E 136 16.02 -17.82 9.05
C TYR E 136 16.63 -19.23 9.05
N GLY E 137 17.88 -19.34 8.65
CA GLY E 137 18.59 -20.60 8.75
C GLY E 137 19.01 -20.86 10.17
N ASP E 138 19.52 -19.81 10.83
CA ASP E 138 19.89 -19.92 12.24
C ASP E 138 18.64 -20.22 13.08
N VAL E 139 17.63 -19.35 12.96
CA VAL E 139 16.36 -19.51 13.66
C VAL E 139 15.21 -19.07 12.74
N SER E 140 14.21 -19.93 12.58
CA SER E 140 13.16 -19.69 11.59
C SER E 140 12.35 -18.45 11.91
N LYS E 141 11.62 -17.94 10.92
CA LYS E 141 10.77 -16.78 11.11
C LYS E 141 9.71 -17.04 12.18
N GLU E 142 9.05 -18.19 12.07
CA GLU E 142 8.01 -18.59 13.02
C GLU E 142 8.55 -18.65 14.45
N LYS E 143 9.73 -19.22 14.62
CA LYS E 143 10.34 -19.33 15.93
C LYS E 143 10.75 -17.97 16.48
N ARG E 144 11.24 -17.11 15.59
CA ARG E 144 11.63 -15.76 15.97
C ARG E 144 10.42 -14.98 16.49
N ARG E 145 9.36 -15.00 15.69
CA ARG E 145 8.12 -14.31 16.06
C ARG E 145 7.52 -14.90 17.32
N SER E 146 7.71 -16.20 17.51
CA SER E 146 7.25 -16.87 18.72
C SER E 146 8.01 -16.34 19.93
N VAL E 147 9.32 -16.23 19.79
CA VAL E 147 10.17 -15.74 20.87
C VAL E 147 9.79 -14.32 21.24
N ILE E 148 9.58 -13.48 20.22
CA ILE E 148 9.14 -12.10 20.46
C ILE E 148 7.79 -12.09 21.19
N ALA E 149 6.90 -12.99 20.77
CA ALA E 149 5.60 -13.10 21.39
C ALA E 149 5.72 -13.43 22.87
N GLN E 150 6.58 -14.39 23.22
CA GLN E 150 6.77 -14.76 24.63
C GLN E 150 7.32 -13.58 25.42
N THR E 151 8.44 -13.06 24.91
CA THR E 151 9.17 -11.97 25.54
C THR E 151 8.30 -10.75 25.81
N LEU E 152 7.39 -10.42 24.91
CA LEU E 152 6.50 -9.30 25.14
C LEU E 152 5.29 -9.68 26.00
N SER E 153 4.83 -10.91 25.83
CA SER E 153 3.65 -11.40 26.54
C SER E 153 3.86 -11.42 28.05
N SER E 154 5.10 -11.68 28.47
CA SER E 154 5.40 -11.68 29.91
C SER E 154 5.20 -10.31 30.55
N GLU E 155 5.22 -9.25 29.75
CA GLU E 155 5.18 -7.88 30.27
C GLU E 155 3.80 -7.21 30.23
N VAL E 156 2.78 -7.96 29.86
CA VAL E 156 1.43 -7.40 29.73
C VAL E 156 0.42 -8.17 30.57
N HIS E 157 -0.70 -7.53 30.83
CA HIS E 157 -1.70 -8.15 31.70
C HIS E 157 -3.11 -7.94 31.17
N VAL E 158 -3.98 -8.88 31.49
CA VAL E 158 -5.39 -8.78 31.13
C VAL E 158 -6.18 -8.73 32.43
N VAL E 159 -6.93 -7.65 32.61
CA VAL E 159 -7.71 -7.46 33.82
C VAL E 159 -9.15 -7.14 33.47
N ALA E 160 -10.08 -7.90 34.05
CA ALA E 160 -11.49 -7.71 33.77
C ALA E 160 -11.97 -6.33 34.23
N PRO E 161 -13.00 -5.78 33.56
CA PRO E 161 -13.53 -4.45 33.88
C PRO E 161 -13.83 -4.29 35.36
N SER E 162 -13.29 -3.23 35.97
CA SER E 162 -13.44 -2.96 37.40
C SER E 162 -13.28 -4.21 38.26
N ARG E 163 -12.13 -4.86 38.14
CA ARG E 163 -11.84 -6.14 38.78
C ARG E 163 -11.80 -6.01 40.30
N LEU E 164 -11.27 -4.88 40.78
CA LEU E 164 -11.16 -4.63 42.21
C LEU E 164 -12.53 -4.66 42.88
N LEU E 165 -13.51 -4.01 42.26
CA LEU E 165 -14.87 -4.00 42.78
C LEU E 165 -15.47 -5.39 42.84
N SER E 166 -15.18 -6.19 41.81
CA SER E 166 -15.65 -7.56 41.73
C SER E 166 -15.07 -8.40 42.87
N LEU E 167 -13.78 -8.20 43.12
CA LEU E 167 -13.10 -8.91 44.20
C LEU E 167 -13.63 -8.50 45.56
N LEU E 168 -13.95 -7.21 45.72
CA LEU E 168 -14.52 -6.72 46.97
C LEU E 168 -15.89 -7.35 47.20
N GLY E 169 -16.65 -7.49 46.12
CA GLY E 169 -17.92 -8.21 46.20
C GLY E 169 -17.68 -9.64 46.63
N GLN E 170 -16.61 -10.24 46.12
CA GLN E 170 -16.25 -11.61 46.48
C GLN E 170 -15.88 -11.72 47.96
N SER E 171 -15.23 -10.70 48.49
CA SER E 171 -14.91 -10.64 49.91
C SER E 171 -16.20 -10.63 50.71
N LEU E 172 -17.18 -9.88 50.21
CA LEU E 172 -18.49 -9.84 50.87
C LEU E 172 -19.19 -11.20 50.84
N LYS E 173 -19.11 -11.89 49.69
CA LYS E 173 -19.70 -13.21 49.54
C LYS E 173 -19.06 -14.20 50.52
N TRP E 174 -17.73 -14.13 50.63
CA TRP E 174 -16.98 -14.98 51.55
C TRP E 174 -17.40 -14.70 52.99
N GLN E 175 -17.52 -13.42 53.33
CA GLN E 175 -17.99 -13.00 54.64
C GLN E 175 -19.37 -13.60 54.92
N LEU E 176 -20.23 -13.56 53.91
CA LEU E 176 -21.59 -14.08 54.02
C LEU E 176 -21.57 -15.59 54.27
N HIS E 177 -20.64 -16.28 53.61
CA HIS E 177 -20.60 -17.75 53.65
C HIS E 177 -19.83 -18.21 54.90
N GLN E 178 -19.09 -17.29 55.50
CA GLN E 178 -18.39 -17.52 56.76
C GLN E 178 -19.10 -16.86 57.94
N GLY E 179 -20.24 -16.22 57.65
CA GLY E 179 -20.93 -15.40 58.62
C GLY E 179 -19.97 -14.45 59.32
N LEU E 180 -19.29 -13.63 58.54
CA LEU E 180 -18.36 -12.64 59.08
C LEU E 180 -18.93 -11.24 58.88
N LEU E 181 -20.09 -11.19 58.23
CA LEU E 181 -20.83 -9.94 57.99
C LEU E 181 -21.23 -9.32 59.33
N PRO E 182 -21.34 -7.98 59.36
CA PRO E 182 -21.80 -7.37 60.60
C PRO E 182 -23.24 -7.75 60.88
N PRO E 183 -23.52 -8.23 62.09
CA PRO E 183 -24.83 -8.76 62.50
C PRO E 183 -25.96 -7.76 62.30
N GLY E 184 -25.67 -6.48 62.52
CA GLY E 184 -26.67 -5.43 62.39
C GLY E 184 -26.07 -4.10 62.00
N GLN F 44 6.73 11.52 5.16
CA GLN F 44 5.74 10.89 4.30
C GLN F 44 6.22 9.51 3.84
N SER F 45 5.27 8.59 3.62
CA SER F 45 5.59 7.22 3.25
C SER F 45 5.58 7.00 1.73
N HIS F 46 6.38 6.05 1.26
CA HIS F 46 6.49 5.74 -0.16
C HIS F 46 6.21 4.26 -0.48
N SER F 47 6.10 3.44 0.55
CA SER F 47 5.89 2.01 0.38
C SER F 47 4.54 1.67 -0.24
N GLU F 48 4.54 0.62 -1.06
CA GLU F 48 3.32 0.09 -1.66
C GLU F 48 2.43 -0.63 -0.65
N ASN F 49 3.07 -1.28 0.32
CA ASN F 49 2.37 -2.09 1.30
C ASN F 49 1.61 -1.22 2.29
N ARG F 50 0.39 -1.66 2.60
CA ARG F 50 -0.49 -0.91 3.49
C ARG F 50 0.00 -0.93 4.94
N MET F 51 0.36 -2.12 5.42
CA MET F 51 0.81 -2.29 6.80
C MET F 51 2.13 -1.55 7.04
N VAL F 52 2.98 -1.48 6.03
CA VAL F 52 4.25 -0.77 6.15
C VAL F 52 4.01 0.74 6.28
N ARG F 53 3.08 1.28 5.50
CA ARG F 53 2.68 2.68 5.58
C ARG F 53 2.06 2.99 6.94
N SER F 54 1.19 2.11 7.41
CA SER F 54 0.57 2.23 8.72
C SER F 54 1.66 2.23 9.80
N LEU F 55 2.67 1.39 9.62
CA LEU F 55 3.81 1.31 10.51
C LEU F 55 4.55 2.63 10.53
N HIS F 56 4.69 3.22 9.33
CA HIS F 56 5.34 4.52 9.16
C HIS F 56 4.60 5.60 9.94
N ARG F 57 3.28 5.61 9.82
CA ARG F 57 2.46 6.58 10.52
C ARG F 57 2.58 6.42 12.04
N VAL F 58 2.52 5.17 12.50
CA VAL F 58 2.62 4.86 13.93
C VAL F 58 3.95 5.29 14.52
N LEU F 59 5.04 4.93 13.84
CA LEU F 59 6.38 5.20 14.32
C LEU F 59 6.81 6.66 14.28
N PHE F 60 6.45 7.37 13.22
CA PHE F 60 6.98 8.72 13.01
C PHE F 60 5.97 9.84 13.23
N LYS F 61 4.97 9.56 14.04
CA LYS F 61 4.03 10.57 14.50
C LYS F 61 3.84 10.44 16.01
N ASN F 62 4.71 9.62 16.62
CA ASN F 62 4.79 9.50 18.08
C ASN F 62 6.17 8.97 18.47
N SER G 6 -24.89 -7.92 41.35
CA SER G 6 -25.93 -7.87 42.38
C SER G 6 -25.39 -7.19 43.64
N ILE G 7 -24.12 -6.81 43.60
CA ILE G 7 -23.40 -6.23 44.74
C ILE G 7 -22.99 -4.79 44.43
N GLU G 8 -23.61 -3.82 45.10
CA GLU G 8 -23.28 -2.42 44.85
C GLU G 8 -22.42 -1.85 45.97
N ILE G 9 -21.37 -1.13 45.56
CA ILE G 9 -20.34 -0.65 46.47
C ILE G 9 -20.15 0.85 46.35
N GLU G 10 -19.93 1.52 47.48
CA GLU G 10 -19.63 2.94 47.50
C GLU G 10 -18.19 3.24 47.11
N SER G 11 -18.00 4.31 46.36
CA SER G 11 -16.70 4.68 45.82
C SER G 11 -15.82 5.16 46.96
N SER G 12 -16.38 6.00 47.84
CA SER G 12 -15.62 6.58 48.94
C SER G 12 -15.03 5.52 49.88
N ASP G 13 -15.73 4.40 50.06
CA ASP G 13 -15.20 3.31 50.89
C ASP G 13 -13.97 2.70 50.23
N VAL G 14 -14.06 2.44 48.93
CA VAL G 14 -12.95 1.88 48.17
C VAL G 14 -11.76 2.83 48.23
N ILE G 15 -12.02 4.10 48.02
CA ILE G 15 -11.00 5.12 48.08
C ILE G 15 -10.34 5.19 49.45
N ARG G 16 -11.14 5.08 50.50
CA ARG G 16 -10.60 5.12 51.86
C ARG G 16 -9.70 3.91 52.11
N LEU G 17 -10.13 2.75 51.62
CA LEU G 17 -9.32 1.53 51.69
C LEU G 17 -7.98 1.73 51.00
N ILE G 18 -8.05 2.22 49.77
CA ILE G 18 -6.89 2.49 48.96
C ILE G 18 -5.94 3.46 49.66
N GLU G 19 -6.51 4.48 50.30
CA GLU G 19 -5.72 5.48 51.02
C GLU G 19 -4.97 4.85 52.18
N GLN G 20 -5.66 3.96 52.89
CA GLN G 20 -5.00 3.23 53.98
C GLN G 20 -3.85 2.39 53.44
N PHE G 21 -4.10 1.69 52.34
CA PHE G 21 -3.10 0.85 51.71
C PHE G 21 -1.86 1.65 51.30
N LEU G 22 -2.08 2.79 50.66
CA LEU G 22 -0.98 3.65 50.26
C LEU G 22 -0.21 4.20 51.45
N LYS G 23 -0.94 4.58 52.50
CA LYS G 23 -0.30 5.10 53.70
C LYS G 23 0.60 4.05 54.34
N GLU G 24 0.07 2.85 54.55
CA GLU G 24 0.84 1.76 55.15
C GLU G 24 2.05 1.38 54.29
N SER G 25 1.96 1.61 53.00
CA SER G 25 3.01 1.25 52.07
C SER G 25 3.95 2.42 51.79
N ASN G 26 3.79 3.50 52.56
CA ASN G 26 4.67 4.66 52.48
C ASN G 26 4.71 5.31 51.10
N LEU G 27 3.66 5.11 50.32
CA LEU G 27 3.53 5.76 49.03
C LEU G 27 2.87 7.12 49.23
N HIS G 28 3.61 8.03 49.85
CA HIS G 28 3.08 9.31 50.28
C HIS G 28 2.61 10.20 49.14
N ARG G 29 3.38 10.29 48.06
CA ARG G 29 3.00 11.16 46.95
C ARG G 29 1.66 10.75 46.34
N THR G 30 1.49 9.46 46.08
CA THR G 30 0.24 8.95 45.54
C THR G 30 -0.94 9.15 46.50
N LEU G 31 -0.68 9.01 47.80
CA LEU G 31 -1.67 9.25 48.84
C LEU G 31 -2.15 10.71 48.80
N ALA G 32 -1.20 11.63 48.73
CA ALA G 32 -1.48 13.05 48.63
C ALA G 32 -2.33 13.37 47.39
N ILE G 33 -1.87 12.89 46.23
CA ILE G 33 -2.55 13.12 44.96
C ILE G 33 -3.98 12.55 45.00
N LEU G 34 -4.14 11.39 45.62
CA LEU G 34 -5.46 10.77 45.76
C LEU G 34 -6.38 11.62 46.62
N GLN G 35 -5.94 11.97 47.84
CA GLN G 35 -6.75 12.80 48.73
C GLN G 35 -7.16 14.11 48.07
N GLU G 36 -6.22 14.74 47.37
CA GLU G 36 -6.48 16.00 46.71
C GLU G 36 -7.45 15.87 45.54
N GLU G 37 -7.25 14.84 44.73
CA GLU G 37 -8.04 14.68 43.52
C GLU G 37 -9.47 14.27 43.82
N THR G 38 -9.65 13.43 44.84
CA THR G 38 -10.98 12.89 45.10
C THR G 38 -11.68 13.56 46.29
N ASN G 39 -10.96 14.43 47.00
CA ASN G 39 -11.47 15.12 48.18
C ASN G 39 -12.02 14.16 49.23
N VAL G 40 -11.42 12.98 49.32
CA VAL G 40 -11.81 12.02 50.35
C VAL G 40 -10.66 11.85 51.33
N SER G 41 -10.96 12.04 52.60
CA SER G 41 -9.93 12.02 53.63
C SER G 41 -10.04 10.81 54.54
N LEU G 42 -8.89 10.29 54.94
CA LEU G 42 -8.85 9.25 55.96
C LEU G 42 -9.03 9.91 57.33
N ASN G 43 -10.16 9.64 57.97
CA ASN G 43 -10.42 10.18 59.31
C ASN G 43 -10.56 9.01 60.26
N THR G 44 -9.43 8.37 60.50
CA THR G 44 -9.38 7.13 61.25
C THR G 44 -9.35 7.32 62.76
N VAL G 45 -10.28 6.62 63.42
CA VAL G 45 -10.28 6.51 64.87
C VAL G 45 -10.29 5.03 65.22
N ASP G 46 -9.67 4.67 66.34
CA ASP G 46 -9.57 3.27 66.74
C ASP G 46 -10.96 2.65 66.89
N SER G 47 -11.86 3.40 67.49
CA SER G 47 -13.25 2.96 67.62
C SER G 47 -14.17 4.16 67.71
N ILE G 48 -15.28 4.09 66.98
CA ILE G 48 -16.27 5.15 67.05
C ILE G 48 -16.89 5.18 68.44
N ASP G 49 -17.10 4.00 69.01
CA ASP G 49 -17.61 3.88 70.36
C ASP G 49 -16.65 4.54 71.34
N GLY G 50 -15.35 4.28 71.16
CA GLY G 50 -14.34 4.84 72.03
C GLY G 50 -14.20 6.34 71.87
N PHE G 51 -14.35 6.83 70.64
CA PHE G 51 -14.26 8.26 70.35
C PHE G 51 -15.43 9.03 70.99
N CYS G 52 -16.64 8.56 70.73
CA CYS G 52 -17.84 9.14 71.33
C CYS G 52 -17.80 9.06 72.85
N ASN G 53 -17.35 7.93 73.37
CA ASN G 53 -17.26 7.74 74.81
C ASN G 53 -16.25 8.71 75.40
N GLU G 54 -15.18 8.96 74.64
CA GLU G 54 -14.14 9.87 75.07
C GLU G 54 -14.68 11.29 75.12
N ILE G 55 -15.57 11.62 74.18
CA ILE G 55 -16.19 12.95 74.18
C ILE G 55 -17.18 13.07 75.33
N THR G 56 -17.94 12.00 75.56
CA THR G 56 -18.96 11.95 76.60
C THR G 56 -18.35 12.03 78.00
N SER G 57 -17.21 11.37 78.18
CA SER G 57 -16.54 11.33 79.47
C SER G 57 -15.82 12.64 79.79
N GLY G 58 -15.74 13.52 78.80
CA GLY G 58 -15.17 14.85 79.00
C GLY G 58 -13.65 14.88 78.97
N ASN G 59 -13.04 13.83 78.42
CA ASN G 59 -11.59 13.76 78.30
C ASN G 59 -11.11 14.58 77.12
N TRP G 60 -10.96 15.88 77.33
CA TRP G 60 -10.74 16.79 76.22
C TRP G 60 -9.33 16.71 75.63
N ASP G 61 -8.36 16.30 76.43
CA ASP G 61 -7.00 16.13 75.91
C ASP G 61 -6.98 15.08 74.80
N ASN G 62 -7.59 13.93 75.08
CA ASN G 62 -7.67 12.85 74.11
C ASN G 62 -8.45 13.24 72.84
N VAL G 63 -9.62 13.84 73.03
CA VAL G 63 -10.45 14.18 71.88
C VAL G 63 -9.78 15.27 71.05
N LEU G 64 -9.00 16.15 71.68
CA LEU G 64 -8.32 17.20 70.91
C LEU G 64 -7.07 16.69 70.20
N LYS G 65 -6.40 15.68 70.77
CA LYS G 65 -5.30 14.98 70.10
C LYS G 65 -5.82 14.29 68.83
N THR G 66 -6.88 13.50 69.01
CA THR G 66 -7.50 12.80 67.89
C THR G 66 -7.98 13.80 66.85
N VAL G 67 -8.59 14.88 67.31
CA VAL G 67 -9.09 15.92 66.43
C VAL G 67 -7.94 16.55 65.65
N GLN G 68 -6.80 16.74 66.32
CA GLN G 68 -5.62 17.29 65.68
C GLN G 68 -5.10 16.34 64.61
N SER G 69 -5.49 15.06 64.69
CA SER G 69 -5.06 14.11 63.66
C SER G 69 -6.04 14.03 62.49
N LEU G 70 -7.12 14.79 62.54
CA LEU G 70 -8.19 14.63 61.55
C LEU G 70 -8.46 15.84 60.66
N LYS G 71 -9.19 15.63 59.56
CA LYS G 71 -9.77 16.72 58.79
C LYS G 71 -11.13 17.07 59.36
N LEU G 72 -11.33 18.34 59.71
CA LEU G 72 -12.55 18.72 60.42
C LEU G 72 -13.10 20.05 59.93
N PRO G 73 -14.36 20.05 59.47
CA PRO G 73 -15.06 21.28 59.14
C PRO G 73 -15.04 22.27 60.31
N ALA G 74 -14.48 23.44 60.06
CA ALA G 74 -14.21 24.43 61.09
C ALA G 74 -15.43 24.76 61.93
N LYS G 75 -16.63 24.72 61.36
CA LYS G 75 -17.82 25.04 62.13
C LYS G 75 -18.02 24.02 63.27
N LYS G 76 -17.74 22.75 63.01
CA LYS G 76 -17.80 21.72 64.03
C LYS G 76 -16.67 21.96 65.05
N LEU G 77 -15.54 22.47 64.56
CA LEU G 77 -14.41 22.78 65.42
C LEU G 77 -14.70 23.94 66.36
N ILE G 78 -15.42 24.94 65.89
CA ILE G 78 -15.74 26.08 66.74
C ILE G 78 -16.81 25.63 67.73
N ASP G 79 -17.71 24.74 67.31
CA ASP G 79 -18.63 24.17 68.27
C ASP G 79 -17.89 23.45 69.39
N LEU G 80 -16.99 22.55 69.01
CA LEU G 80 -16.21 21.77 69.96
C LEU G 80 -15.39 22.64 70.90
N TYR G 81 -14.57 23.52 70.33
CA TYR G 81 -13.70 24.39 71.11
C TYR G 81 -14.50 25.31 72.03
N GLU G 82 -15.62 25.82 71.54
CA GLU G 82 -16.52 26.63 72.37
C GLU G 82 -16.96 25.83 73.59
N HIS G 83 -17.45 24.61 73.35
CA HIS G 83 -17.90 23.77 74.44
C HIS G 83 -16.79 23.45 75.43
N VAL G 84 -15.59 23.19 74.91
CA VAL G 84 -14.45 22.94 75.78
C VAL G 84 -14.21 24.14 76.68
N ILE G 85 -14.25 25.33 76.10
CA ILE G 85 -14.08 26.55 76.89
C ILE G 85 -15.14 26.64 77.98
N ILE G 86 -16.37 26.29 77.64
CA ILE G 86 -17.45 26.25 78.62
C ILE G 86 -17.15 25.31 79.79
N GLU G 87 -16.67 24.11 79.48
CA GLU G 87 -16.34 23.16 80.53
C GLU G 87 -15.12 23.60 81.34
N LEU G 88 -14.26 24.41 80.72
CA LEU G 88 -13.12 24.98 81.42
C LEU G 88 -13.58 26.00 82.44
N VAL G 89 -14.47 26.90 82.01
CA VAL G 89 -14.94 27.92 82.93
C VAL G 89 -15.84 27.26 83.99
N GLU G 90 -16.40 26.09 83.69
CA GLU G 90 -17.14 25.34 84.71
C GLU G 90 -16.20 24.84 85.80
N LEU G 91 -15.02 24.39 85.39
CA LEU G 91 -14.00 23.92 86.33
C LEU G 91 -13.26 25.12 86.90
N ARG G 92 -13.68 26.30 86.46
CA ARG G 92 -13.13 27.58 86.91
C ARG G 92 -11.66 27.75 86.54
N GLU G 93 -11.22 27.03 85.51
CA GLU G 93 -9.88 27.16 84.97
C GLU G 93 -9.83 28.31 83.95
N LEU G 94 -10.09 29.53 84.44
CA LEU G 94 -10.27 30.69 83.55
C LEU G 94 -9.08 31.04 82.67
N ALA G 95 -7.87 30.88 83.20
CA ALA G 95 -6.68 31.23 82.44
C ALA G 95 -6.57 30.41 81.16
N THR G 96 -6.72 29.10 81.30
CA THR G 96 -6.66 28.19 80.16
C THR G 96 -7.80 28.43 79.19
N ALA G 97 -8.97 28.77 79.71
CA ALA G 97 -10.13 29.07 78.88
C ALA G 97 -9.83 30.28 77.99
N ARG G 98 -9.27 31.32 78.59
CA ARG G 98 -8.87 32.51 77.84
C ARG G 98 -7.80 32.16 76.81
N LEU G 99 -6.88 31.29 77.22
CA LEU G 99 -5.80 30.84 76.36
C LEU G 99 -6.36 30.19 75.10
N VAL G 100 -7.34 29.32 75.28
CA VAL G 100 -7.99 28.66 74.17
C VAL G 100 -8.76 29.66 73.31
N ALA G 101 -9.45 30.58 73.97
CA ALA G 101 -10.25 31.59 73.28
C ALA G 101 -9.45 32.47 72.34
N ARG G 102 -8.24 32.83 72.75
CA ARG G 102 -7.43 33.79 72.01
C ARG G 102 -6.32 33.19 71.15
N GLN G 103 -5.84 32.00 71.52
CA GLN G 103 -4.61 31.48 70.91
C GLN G 103 -4.88 30.28 69.99
N THR G 104 -6.17 29.96 69.76
CA THR G 104 -6.53 28.86 68.86
C THR G 104 -7.29 29.32 67.61
N ASP G 105 -6.96 28.72 66.47
CA ASP G 105 -7.53 29.09 65.17
C ASP G 105 -9.07 29.05 65.07
N PRO G 106 -9.71 27.95 65.55
CA PRO G 106 -11.16 27.91 65.43
C PRO G 106 -11.84 29.06 66.15
N MET G 107 -11.26 29.50 67.25
CA MET G 107 -11.84 30.60 68.01
C MET G 107 -11.67 31.95 67.33
N ILE G 108 -10.53 32.17 66.67
CA ILE G 108 -10.33 33.39 65.88
C ILE G 108 -11.32 33.44 64.72
N LEU G 109 -11.48 32.28 64.09
CA LEU G 109 -12.42 32.15 63.01
C LEU G 109 -13.83 32.43 63.51
N LEU G 110 -14.11 31.97 64.72
CA LEU G 110 -15.39 32.20 65.37
C LEU G 110 -15.63 33.68 65.60
N LYS G 111 -14.58 34.36 66.04
CA LYS G 111 -14.68 35.81 66.23
C LYS G 111 -14.99 36.52 64.91
N GLN G 112 -14.36 36.11 63.81
CA GLN G 112 -14.61 36.76 62.52
C GLN G 112 -16.03 36.48 61.98
N ILE G 113 -16.44 35.21 61.92
CA ILE G 113 -17.70 34.87 61.25
C ILE G 113 -18.94 35.08 62.13
N ASP G 114 -18.77 35.00 63.44
CA ASP G 114 -19.91 35.15 64.35
C ASP G 114 -19.50 35.94 65.59
N PRO G 115 -19.37 37.26 65.45
CA PRO G 115 -18.84 38.16 66.49
C PRO G 115 -19.69 38.22 67.76
N ASP G 116 -21.02 38.22 67.63
CA ASP G 116 -21.88 38.24 68.81
C ASP G 116 -21.79 36.92 69.60
N ARG G 117 -21.62 35.81 68.91
CA ARG G 117 -21.46 34.51 69.56
C ARG G 117 -20.18 34.48 70.38
N PHE G 118 -19.11 35.00 69.78
CA PHE G 118 -17.84 35.10 70.46
C PHE G 118 -17.92 36.07 71.63
N ALA G 119 -18.70 37.14 71.45
CA ALA G 119 -18.93 38.11 72.52
C ALA G 119 -19.62 37.47 73.70
N ARG G 120 -20.58 36.59 73.41
CA ARG G 120 -21.28 35.84 74.44
C ARG G 120 -20.28 34.96 75.18
N LEU G 121 -19.39 34.33 74.41
CA LEU G 121 -18.37 33.46 74.99
C LEU G 121 -17.44 34.23 75.93
N GLU G 122 -17.02 35.42 75.48
CA GLU G 122 -16.14 36.28 76.27
C GLU G 122 -16.81 36.79 77.55
N SER G 123 -18.08 37.17 77.45
CA SER G 123 -18.84 37.60 78.61
C SER G 123 -18.92 36.46 79.62
N LEU G 124 -19.16 35.25 79.13
CA LEU G 124 -19.21 34.09 80.01
C LEU G 124 -17.85 33.81 80.65
N ILE G 125 -16.79 34.03 79.89
CA ILE G 125 -15.43 33.76 80.38
C ILE G 125 -14.94 34.79 81.39
N ASN G 126 -15.37 36.04 81.27
CA ASN G 126 -14.86 37.11 82.12
C ASN G 126 -15.72 37.45 83.33
N ARG G 127 -16.84 36.76 83.49
CA ARG G 127 -17.71 37.01 84.65
C ARG G 127 -17.20 36.30 85.90
N PRO G 128 -17.35 36.96 87.06
CA PRO G 128 -16.84 36.56 88.38
C PRO G 128 -17.27 35.17 88.84
N TYR G 129 -18.44 34.73 88.39
CA TYR G 129 -18.92 33.40 88.75
C TYR G 129 -19.34 32.60 87.52
N PHE G 130 -19.47 31.30 87.69
CA PHE G 130 -19.90 30.44 86.59
C PHE G 130 -21.42 30.36 86.52
N ASP G 131 -21.99 31.01 85.49
CA ASP G 131 -23.44 31.01 85.32
C ASP G 131 -23.92 29.71 84.70
N GLY G 132 -23.91 28.65 85.50
CA GLY G 132 -24.35 27.34 85.05
C GLY G 132 -25.81 27.36 84.62
N GLN G 133 -26.57 28.31 85.14
CA GLN G 133 -28.01 28.38 84.88
C GLN G 133 -28.36 28.59 83.40
N GLU G 134 -27.74 29.55 82.74
CA GLU G 134 -28.04 29.75 81.33
C GLU G 134 -27.54 28.56 80.52
N VAL G 135 -26.25 28.27 80.69
CA VAL G 135 -25.56 27.25 79.90
C VAL G 135 -26.24 25.89 79.99
N TYR G 136 -26.32 25.34 81.20
CA TYR G 136 -26.87 24.00 81.36
C TYR G 136 -28.37 24.01 81.64
N GLY G 137 -28.94 25.19 81.80
CA GLY G 137 -30.38 25.34 81.92
C GLY G 137 -31.04 25.24 80.57
N ASP G 138 -30.44 25.89 79.57
CA ASP G 138 -30.95 25.81 78.20
C ASP G 138 -30.87 24.37 77.72
N VAL G 139 -29.66 23.80 77.74
CA VAL G 139 -29.44 22.40 77.39
C VAL G 139 -28.34 21.81 78.27
N SER G 140 -28.61 20.67 78.89
CA SER G 140 -27.72 20.12 79.92
C SER G 140 -26.35 19.79 79.35
N LYS G 141 -25.38 19.65 80.23
CA LYS G 141 -24.01 19.35 79.85
C LYS G 141 -23.94 18.01 79.11
N GLU G 142 -24.63 17.00 79.64
CA GLU G 142 -24.68 15.67 79.04
C GLU G 142 -25.19 15.71 77.59
N LYS G 143 -26.26 16.46 77.36
CA LYS G 143 -26.83 16.56 76.03
C LYS G 143 -25.91 17.33 75.08
N ARG G 144 -25.25 18.35 75.62
CA ARG G 144 -24.30 19.15 74.86
C ARG G 144 -23.16 18.26 74.35
N ARG G 145 -22.58 17.50 75.27
CA ARG G 145 -21.50 16.57 74.95
C ARG G 145 -21.99 15.51 73.97
N SER G 146 -23.26 15.15 74.09
CA SER G 146 -23.88 14.19 73.16
C SER G 146 -23.92 14.77 71.74
N VAL G 147 -24.34 16.02 71.63
CA VAL G 147 -24.42 16.69 70.34
C VAL G 147 -23.04 16.80 69.71
N ILE G 148 -22.05 17.19 70.51
CA ILE G 148 -20.67 17.23 70.02
C ILE G 148 -20.25 15.85 69.52
N ALA G 149 -20.66 14.84 70.26
CA ALA G 149 -20.36 13.45 69.90
C ALA G 149 -20.93 13.11 68.53
N GLN G 150 -22.18 13.51 68.28
CA GLN G 150 -22.80 13.25 66.98
C GLN G 150 -22.09 13.98 65.85
N THR G 151 -21.98 15.30 66.00
CA THR G 151 -21.37 16.14 64.97
C THR G 151 -19.95 15.72 64.61
N LEU G 152 -19.16 15.29 65.59
CA LEU G 152 -17.81 14.84 65.29
C LEU G 152 -17.75 13.39 64.79
N SER G 153 -18.62 12.53 65.33
CA SER G 153 -18.62 11.13 64.92
C SER G 153 -19.01 10.98 63.46
N SER G 154 -19.87 11.87 62.97
CA SER G 154 -20.28 11.79 61.55
C SER G 154 -19.10 12.03 60.59
N GLU G 155 -18.02 12.63 61.08
CA GLU G 155 -16.89 13.01 60.24
C GLU G 155 -15.72 12.03 60.30
N VAL G 156 -15.88 10.92 61.00
CA VAL G 156 -14.79 9.96 61.19
C VAL G 156 -15.14 8.54 60.78
N HIS G 157 -14.10 7.73 60.58
CA HIS G 157 -14.27 6.36 60.13
C HIS G 157 -13.33 5.41 60.83
N VAL G 158 -13.73 4.15 60.94
CA VAL G 158 -12.86 3.14 61.54
C VAL G 158 -12.51 2.05 60.52
N VAL G 159 -11.22 1.88 60.27
CA VAL G 159 -10.75 0.88 59.32
C VAL G 159 -9.68 -0.01 59.97
N ALA G 160 -9.88 -1.32 59.90
CA ALA G 160 -8.94 -2.27 60.50
C ALA G 160 -7.58 -2.22 59.81
N PRO G 161 -6.51 -2.54 60.56
CA PRO G 161 -5.14 -2.54 60.01
C PRO G 161 -5.04 -3.36 58.74
N SER G 162 -4.51 -2.76 57.67
CA SER G 162 -4.40 -3.43 56.38
C SER G 162 -5.71 -4.08 55.95
N ARG G 163 -6.78 -3.30 55.88
CA ARG G 163 -8.10 -3.84 55.60
C ARG G 163 -8.24 -4.33 54.17
N LEU G 164 -7.67 -3.57 53.24
CA LEU G 164 -7.77 -3.90 51.81
C LEU G 164 -7.14 -5.26 51.53
N LEU G 165 -5.95 -5.49 52.10
CA LEU G 165 -5.27 -6.76 51.96
C LEU G 165 -6.07 -7.90 52.57
N SER G 166 -6.71 -7.64 53.70
CA SER G 166 -7.56 -8.64 54.36
C SER G 166 -8.73 -9.03 53.48
N LEU G 167 -9.36 -8.03 52.89
CA LEU G 167 -10.52 -8.23 52.03
C LEU G 167 -10.14 -8.96 50.75
N LEU G 168 -8.99 -8.59 50.19
CA LEU G 168 -8.49 -9.28 49.00
C LEU G 168 -8.18 -10.72 49.34
N GLY G 169 -7.68 -10.95 50.55
CA GLY G 169 -7.48 -12.30 51.03
C GLY G 169 -8.79 -13.07 51.10
N GLN G 170 -9.85 -12.39 51.52
CA GLN G 170 -11.17 -13.02 51.58
C GLN G 170 -11.68 -13.38 50.18
N SER G 171 -11.45 -12.50 49.21
CA SER G 171 -11.82 -12.77 47.81
C SER G 171 -11.01 -13.96 47.27
N LEU G 172 -9.76 -14.04 47.70
CA LEU G 172 -8.88 -15.15 47.33
C LEU G 172 -9.42 -16.45 47.90
N LYS G 173 -9.88 -16.42 49.15
CA LYS G 173 -10.47 -17.59 49.78
C LYS G 173 -11.73 -18.01 49.04
N TRP G 174 -12.52 -17.03 48.63
CA TRP G 174 -13.73 -17.29 47.87
C TRP G 174 -13.42 -17.98 46.53
N GLN G 175 -12.41 -17.48 45.82
CA GLN G 175 -11.94 -18.12 44.59
C GLN G 175 -11.46 -19.56 44.84
N LEU G 176 -10.64 -19.71 45.88
CA LEU G 176 -10.03 -20.99 46.24
C LEU G 176 -11.03 -22.06 46.61
N HIS G 177 -12.12 -21.66 47.26
CA HIS G 177 -13.06 -22.60 47.84
C HIS G 177 -13.93 -23.22 46.76
N GLN G 178 -13.81 -22.67 45.54
CA GLN G 178 -14.47 -23.23 44.37
C GLN G 178 -13.49 -24.01 43.47
N GLY G 179 -12.73 -24.93 44.07
CA GLY G 179 -11.68 -25.65 43.37
C GLY G 179 -12.27 -26.77 42.52
N LEU G 180 -13.56 -27.01 42.74
CA LEU G 180 -14.38 -27.92 41.97
C LEU G 180 -15.27 -26.94 41.23
N LEU G 181 -14.92 -26.68 39.98
CA LEU G 181 -15.53 -25.61 39.21
C LEU G 181 -17.05 -25.73 39.09
N PRO G 182 -17.75 -24.58 39.17
CA PRO G 182 -19.20 -24.45 38.99
C PRO G 182 -19.65 -24.62 37.55
N GLU H 34 -0.55 43.09 85.33
CA GLU H 34 0.14 42.03 84.58
C GLU H 34 -0.78 40.86 84.30
N ALA H 35 -2.01 41.15 83.86
CA ALA H 35 -2.98 40.11 83.55
C ALA H 35 -2.58 39.33 82.30
N SER H 36 -2.33 40.06 81.22
CA SER H 36 -1.92 39.44 79.96
C SER H 36 -0.54 38.81 80.10
N LEU H 37 0.25 39.28 81.06
CA LEU H 37 1.56 38.69 81.32
C LEU H 37 1.41 37.33 81.98
N LEU H 38 0.41 37.19 82.84
CA LEU H 38 0.07 35.89 83.41
C LEU H 38 -0.54 35.00 82.33
N ALA H 39 -1.22 35.62 81.37
CA ALA H 39 -1.78 34.90 80.23
C ALA H 39 -0.67 34.33 79.35
N GLN H 40 0.43 35.07 79.19
CA GLN H 40 1.57 34.60 78.41
C GLN H 40 2.38 33.56 79.18
N GLU H 41 2.57 33.82 80.47
CA GLU H 41 3.25 32.89 81.36
C GLU H 41 2.57 31.53 81.30
N LEU H 42 1.24 31.52 81.46
CA LEU H 42 0.49 30.26 81.37
C LEU H 42 0.37 29.78 79.92
N ALA H 43 0.63 30.68 78.97
CA ALA H 43 0.73 30.27 77.57
C ALA H 43 2.01 29.45 77.37
N GLN H 44 2.91 29.54 78.34
CA GLN H 44 4.04 28.61 78.38
C GLN H 44 4.09 27.75 79.65
N SER H 45 3.24 28.05 80.63
CA SER H 45 3.20 27.28 81.88
C SER H 45 2.06 26.26 81.89
N HIS H 46 1.87 25.61 83.03
CA HIS H 46 0.84 24.57 83.16
C HIS H 46 -0.11 24.84 84.34
N SER H 47 -1.15 24.01 84.47
CA SER H 47 -2.14 24.18 85.53
C SER H 47 -2.26 22.94 86.43
N GLU H 48 -3.17 23.01 87.40
CA GLU H 48 -3.26 22.00 88.46
C GLU H 48 -3.99 20.72 88.07
N ASN H 49 -4.97 20.83 87.18
CA ASN H 49 -5.75 19.66 86.76
C ASN H 49 -5.01 18.81 85.74
N ARG H 50 -5.09 17.49 85.88
CA ARG H 50 -4.35 16.59 85.00
C ARG H 50 -4.88 16.63 83.56
N MET H 51 -6.19 16.79 83.42
CA MET H 51 -6.82 16.87 82.11
C MET H 51 -6.51 18.21 81.46
N VAL H 52 -6.50 19.26 82.27
CA VAL H 52 -6.19 20.60 81.79
C VAL H 52 -4.72 20.69 81.40
N ARG H 53 -3.86 20.09 82.20
CA ARG H 53 -2.43 20.04 81.89
C ARG H 53 -2.22 19.30 80.57
N SER H 54 -2.73 18.07 80.50
CA SER H 54 -2.59 17.24 79.31
C SER H 54 -3.08 17.96 78.07
N LEU H 55 -4.28 18.54 78.17
CA LEU H 55 -4.87 19.32 77.09
C LEU H 55 -3.95 20.45 76.64
N HIS H 56 -3.39 21.15 77.63
CA HIS H 56 -2.48 22.26 77.36
C HIS H 56 -1.27 21.78 76.56
N ARG H 57 -0.66 20.69 77.00
CA ARG H 57 0.47 20.13 76.27
C ARG H 57 0.07 19.60 74.89
N VAL H 58 -1.21 19.27 74.73
CA VAL H 58 -1.71 18.75 73.46
C VAL H 58 -1.88 19.85 72.41
N LEU H 59 -2.52 20.95 72.79
CA LEU H 59 -2.81 21.98 71.81
C LEU H 59 -1.87 23.19 71.86
N PHE H 60 -0.81 23.12 72.65
CA PHE H 60 0.12 24.24 72.76
C PHE H 60 1.60 23.84 72.68
N LYS H 61 1.87 22.60 72.30
CA LYS H 61 3.24 22.12 72.17
C LYS H 61 3.50 21.55 70.77
#